data_9QCV
#
_entry.id   9QCV
#
loop_
_entity.id
_entity.type
_entity.pdbx_description
1 polymer 'Cyclin-dependent kinase 2'
2 polymer Cyclin-A2
3 polymer 'CDK-activating kinase assembly factor MAT1'
4 polymer Cyclin-H
5 polymer 'Cyclin-dependent kinase 7'
6 non-polymer 'PHOSPHOAMINOPHOSPHONIC ACID-ADENYLATE ESTER'
7 non-polymer 'MAGNESIUM ION'
8 water water
#
loop_
_entity_poly.entity_id
_entity_poly.type
_entity_poly.pdbx_seq_one_letter_code
_entity_poly.pdbx_strand_id
1 'polypeptide(L)'
;SNAMENFQKVEKIGEGTYGVVYKARNKLTGEVVALKKIRLDTETEGVPSTAIREISLLKELNHPNIVKLLDVIHTENKLY
LVFEFLHQDLKKFMDASALTGIPLPLIKSYLFQLLQGLAFCHSHRVLHRDLKPQNLLINTEGAIKLADFGLARAFGVPVR
TYTHEVVTLWYRAPEILLGCKYYSTAVDIWSLGCIFAEMVTRRALFPGDSEIDQLFRIFRTLGTPDEVVWPGVTSMPDYK
PSFPKWARQDFSKVVPPLDEDGRSLLSQMLHYDPNKRISAKAALAHPFFQDVTKPVPHLRL
;
K
2 'polypeptide(L)'
;SNAMLGNSAPGPATREAGSALLALQQTALQEDQENINPEKAAPVQQPRTRAALAVLKSGNPRGLAQQQRPKTRRVAPLKD
LPVNDEHVTVPPWKANSKQPAFTIHVDEAEKEAQKKPAESQKIEREDALAFNSAISLPGPRKPLVPLDYPMDGSFESPHT
MDMSIVLEDEKPVSVNEVPDYHEDIHTYLREMEVKCKPKVGYMKKQPDITNSMRAILVDWLVEVGEEYKLQNETLHLAVN
YIDRFLSSMSVLRGKLQLVGTAAMLLASKFEEIYPPEVAEFVYITDDTYTKKQVLRMEHLVLKVLTFDLAAPTVNQFLTQ
YFLHQQPANCKVESLAMFLGELSLIDADPYLKYLPSVIAGAAFHLALYTVTGQSWPESLIRKTGYTLESLKPCLMDLHQT
YLKAPQHAQQSIREKYKNSKYHGVSLLNPPETLNL
;
L
3 'polypeptide(L)'
;MGSSHHHHHHENLYFQSNAMDDQGCPRCKTTKYRNPSLKLMVNVCGHTLCESCVDLLFVRGAGNCPECGTPLRKSNFRVQ
LFEDPTVDKEVEIRKKVLKIYNKREEDFPSLREYNDFLEEVEEIVFNLTNNVDLDNTKKKMEIYQKENKDVIQKNKLKLT
REQEELEEALEVERQENEQRRLFIQKEEQLQQILKRKNKQAFLDELESSDLPVALLLAQHKDRSTQLEMQLEKPKPVKPV
TFSTGIKMGQHISLAPIHKLEEALYEYQPLQIETYGPHVPELEMLGRLGYLNHVRAASPQDLAGGYTSSLACHRALQDAF
SGLFWQPS
;
H
4 'polypeptide(L)'
;(ACE)MYHNSSQKRHWTFSSEEQLARLRADANRKFRCKAVANGKVLPNDPVFLEPHEEMTLCKYYEKRLLEFCSVFKPAM
PRSVVGTACMYFKRFYLNNSVMEYHPRIIMLTCAFLACKVDEFNVSSPQFVGNLRESPLGQEKALEQILEYELLLIQQLN
FHLIVHNPYRPFEGFLIDLKTRYPILENPEILRKTADDFLNRIALTDAYLLYTPSQIALTAILSSASRAGITMESYLSES
LMLKENRTCLSQLLDIMKSMRNLVKKYEPPRSEEVAVLKQKLERCHSAELALNVITKKRKGYEDDDYVSKKSKHEEEEWT
DDDLVESL
;
I
5 'polypeptide(L)'
;MASWSHPQFEKGGGSGGGSGGGSWSHPQFEKSGGGSENLYFQSNAMALDVKSRAKRYEKLDFLGEGQFATVYKARDKNTN
QIVAIKKIKLGHRSEAKDGINRTALREIKLLQELSHPNIIGLLDAFGHKSNISLVFDFMETDLEVIIKDNSLVLTPSHIK
AYMLMTLQGLEYLHQHWILHRDLKPNNLLLDENGVLKLADFGLAKSFGSPNRAYTHQVVTRWYRAPELLFGARMYGVGVD
MWAVGCILAELLLRVPFLPGDSDLDQLTRIFETLGTPTEEQWPDMCSLPDYVTFKSFPGIPLHHIFSAAGDDLLDLIQGL
FLFNPCARITATQALKMKYFSNRPGPTPGCQLPRPNCPVETLKEQSNPALAIKRKRTEALEQGGLPKKLIF
;
J
#
loop_
_chem_comp.id
_chem_comp.type
_chem_comp.name
_chem_comp.formula
ACE non-polymer 'ACETYL GROUP' 'C2 H4 O'
ANP non-polymer 'PHOSPHOAMINOPHOSPHONIC ACID-ADENYLATE ESTER' 'C10 H17 N6 O12 P3'
MG non-polymer 'MAGNESIUM ION' 'Mg 2'
#
# COMPACT_ATOMS: atom_id res chain seq x y z
N MET A 4 6.61 6.92 33.02
CA MET A 4 6.76 7.28 31.61
C MET A 4 7.59 8.54 31.41
N GLU A 5 8.18 9.04 32.51
CA GLU A 5 9.24 10.04 32.44
C GLU A 5 10.62 9.39 32.43
N ASN A 6 10.68 8.06 32.49
CA ASN A 6 11.92 7.32 32.63
C ASN A 6 12.73 7.24 31.35
N PHE A 7 12.17 7.68 30.23
CA PHE A 7 12.83 7.57 28.93
C PHE A 7 13.02 8.95 28.32
N GLN A 8 14.20 9.17 27.74
CA GLN A 8 14.50 10.41 27.03
C GLN A 8 14.53 10.13 25.54
N LYS A 9 13.67 10.82 24.79
CA LYS A 9 13.59 10.59 23.35
C LYS A 9 14.83 11.13 22.66
N VAL A 10 15.55 10.25 21.98
CA VAL A 10 16.73 10.63 21.22
C VAL A 10 16.37 11.01 19.79
N GLU A 11 15.59 10.16 19.10
CA GLU A 11 15.19 10.48 17.74
C GLU A 11 13.99 9.63 17.37
N LYS A 12 13.50 9.83 16.14
CA LYS A 12 12.38 9.07 15.60
C LYS A 12 12.90 8.01 14.65
N ILE A 13 12.80 6.74 15.05
CA ILE A 13 13.28 5.64 14.22
C ILE A 13 12.44 5.54 12.95
N GLY A 14 11.12 5.55 13.09
CA GLY A 14 10.23 5.39 11.95
C GLY A 14 8.80 5.30 12.43
N GLU A 15 7.89 5.44 11.46
CA GLU A 15 6.46 5.44 11.75
C GLU A 15 5.78 4.50 10.77
N GLY A 16 4.90 3.64 11.28
CA GLY A 16 4.25 2.65 10.45
C GLY A 16 2.77 2.87 10.26
N THR A 17 2.00 1.77 10.23
CA THR A 17 0.57 1.88 9.95
C THR A 17 -0.18 2.57 11.08
N TYR A 18 0.18 2.27 12.33
CA TYR A 18 -0.60 2.76 13.48
C TYR A 18 0.23 3.34 14.61
N GLY A 19 1.54 3.12 14.65
CA GLY A 19 2.35 3.63 15.74
C GLY A 19 3.58 4.34 15.23
N VAL A 20 4.26 5.03 16.15
CA VAL A 20 5.49 5.76 15.85
C VAL A 20 6.59 5.24 16.78
N VAL A 21 7.74 4.91 16.20
CA VAL A 21 8.83 4.30 16.93
C VAL A 21 9.93 5.34 17.14
N TYR A 22 10.30 5.55 18.41
CA TYR A 22 11.37 6.45 18.79
C TYR A 22 12.55 5.66 19.33
N LYS A 23 13.75 6.11 19.00
CA LYS A 23 14.96 5.65 19.70
C LYS A 23 15.11 6.51 20.94
N ALA A 24 15.17 5.87 22.11
CA ALA A 24 15.21 6.56 23.39
C ALA A 24 16.29 5.97 24.30
N ARG A 25 16.66 6.75 25.31
CA ARG A 25 17.60 6.35 26.34
C ARG A 25 16.88 6.14 27.65
N ASN A 26 17.23 5.05 28.35
CA ASN A 26 16.76 4.84 29.71
C ASN A 26 17.56 5.75 30.64
N LYS A 27 16.89 6.78 31.17
CA LYS A 27 17.60 7.78 31.97
C LYS A 27 18.18 7.16 33.24
N LEU A 28 17.43 6.29 33.91
CA LEU A 28 17.84 5.74 35.20
C LEU A 28 18.83 4.60 35.08
N THR A 29 19.03 4.03 33.89
CA THR A 29 19.91 2.88 33.75
C THR A 29 20.93 3.09 32.64
N GLY A 30 20.56 3.83 31.60
CA GLY A 30 21.45 4.07 30.48
C GLY A 30 21.26 3.15 29.29
N GLU A 31 20.21 2.35 29.27
CA GLU A 31 20.03 1.38 28.19
C GLU A 31 19.25 2.00 27.04
N VAL A 32 19.80 1.90 25.83
CA VAL A 32 19.13 2.38 24.64
C VAL A 32 18.01 1.42 24.28
N VAL A 33 16.80 1.96 24.09
CA VAL A 33 15.62 1.16 23.82
C VAL A 33 14.83 1.81 22.68
N ALA A 34 13.79 1.10 22.23
CA ALA A 34 12.87 1.59 21.22
C ALA A 34 11.48 1.71 21.84
N LEU A 35 10.90 2.89 21.73
CA LEU A 35 9.57 3.17 22.28
C LEU A 35 8.58 3.26 21.12
N LYS A 36 7.68 2.29 21.05
CA LYS A 36 6.58 2.34 20.09
C LYS A 36 5.40 3.01 20.78
N LYS A 37 5.06 4.21 20.32
CA LYS A 37 3.94 4.96 20.85
C LYS A 37 2.74 4.75 19.93
N ILE A 38 1.65 4.26 20.50
CA ILE A 38 0.39 4.05 19.78
C ILE A 38 -0.67 4.88 20.48
N ARG A 39 -1.17 5.90 19.80
CA ARG A 39 -2.16 6.79 20.40
C ARG A 39 -3.49 6.07 20.46
N LEU A 40 -3.90 5.67 21.67
CA LEU A 40 -5.17 4.97 21.83
C LEU A 40 -6.35 5.91 21.59
N ASP A 41 -6.15 7.22 21.73
CA ASP A 41 -7.15 8.16 21.26
C ASP A 41 -7.17 8.16 19.73
N THR A 42 -8.16 8.83 19.16
CA THR A 42 -8.45 8.81 17.73
C THR A 42 -8.82 7.42 17.25
N GLU A 43 -9.08 6.50 18.17
CA GLU A 43 -9.41 5.12 17.87
C GLU A 43 -10.90 4.91 18.13
N THR A 44 -11.64 4.51 17.12
CA THR A 44 -13.07 4.25 17.27
C THR A 44 -13.36 2.81 17.67
N GLU A 45 -12.34 1.99 17.88
CA GLU A 45 -12.53 0.59 18.25
C GLU A 45 -11.79 0.15 19.51
N GLY A 46 -10.84 0.93 19.99
CA GLY A 46 -10.06 0.56 21.17
C GLY A 46 -8.60 0.33 20.86
N VAL A 47 -7.97 -0.48 21.70
CA VAL A 47 -6.61 -0.89 21.42
C VAL A 47 -6.65 -1.69 20.12
N PRO A 48 -5.78 -1.40 19.15
CA PRO A 48 -5.87 -2.09 17.86
C PRO A 48 -5.68 -3.59 18.02
N SER A 49 -6.43 -4.35 17.23
CA SER A 49 -6.33 -5.81 17.29
C SER A 49 -4.91 -6.27 16.97
N THR A 50 -4.24 -5.60 16.04
CA THR A 50 -2.85 -5.94 15.73
C THR A 50 -1.96 -5.71 16.94
N ALA A 51 -2.13 -4.57 17.63
CA ALA A 51 -1.34 -4.30 18.83
C ALA A 51 -1.68 -5.29 19.94
N ILE A 52 -2.96 -5.60 20.11
CA ILE A 52 -3.37 -6.54 21.14
C ILE A 52 -2.71 -7.90 20.91
N ARG A 53 -2.80 -8.42 19.69
CA ARG A 53 -2.21 -9.71 19.38
C ARG A 53 -0.68 -9.66 19.51
N GLU A 54 -0.06 -8.58 19.04
CA GLU A 54 1.39 -8.47 19.11
C GLU A 54 1.87 -8.51 20.55
N ILE A 55 1.30 -7.67 21.42
CA ILE A 55 1.74 -7.62 22.80
C ILE A 55 1.44 -8.94 23.51
N SER A 56 0.24 -9.48 23.31
CA SER A 56 -0.14 -10.72 24.00
C SER A 56 0.79 -11.85 23.63
N LEU A 57 1.09 -12.01 22.33
CA LEU A 57 1.96 -13.10 21.91
C LEU A 57 3.41 -12.83 22.27
N LEU A 58 3.84 -11.56 22.26
CA LEU A 58 5.24 -11.26 22.54
C LEU A 58 5.58 -11.32 24.02
N LYS A 59 4.59 -11.19 24.90
CA LYS A 59 4.87 -11.36 26.33
C LYS A 59 5.29 -12.79 26.64
N GLU A 60 4.72 -13.77 25.96
CA GLU A 60 5.02 -15.17 26.20
C GLU A 60 6.24 -15.68 25.43
N LEU A 61 6.76 -14.90 24.48
CA LEU A 61 7.88 -15.34 23.64
C LEU A 61 9.15 -14.71 24.18
N ASN A 62 9.72 -15.34 25.21
CA ASN A 62 10.99 -14.91 25.81
C ASN A 62 12.08 -15.79 25.23
N HIS A 63 12.70 -15.32 24.14
CA HIS A 63 13.71 -16.06 23.43
C HIS A 63 14.89 -15.16 23.08
N PRO A 64 16.10 -15.71 23.03
CA PRO A 64 17.25 -14.90 22.60
C PRO A 64 17.14 -14.40 21.17
N ASN A 65 16.36 -15.08 20.31
CA ASN A 65 16.24 -14.71 18.92
C ASN A 65 14.88 -14.10 18.59
N ILE A 66 14.19 -13.57 19.59
CA ILE A 66 12.96 -12.82 19.40
C ILE A 66 13.12 -11.50 20.16
N VAL A 67 12.63 -10.42 19.56
CA VAL A 67 12.84 -9.09 20.15
C VAL A 67 12.22 -9.06 21.55
N LYS A 68 12.96 -8.49 22.49
CA LYS A 68 12.57 -8.45 23.89
C LYS A 68 11.58 -7.31 24.11
N LEU A 69 10.41 -7.65 24.65
CA LEU A 69 9.43 -6.64 25.06
C LEU A 69 9.68 -6.34 26.52
N LEU A 70 10.52 -5.33 26.79
CA LEU A 70 10.94 -5.05 28.15
C LEU A 70 9.79 -4.57 29.02
N ASP A 71 8.96 -3.66 28.50
CA ASP A 71 7.93 -3.05 29.32
C ASP A 71 6.77 -2.61 28.43
N VAL A 72 5.57 -2.63 29.02
CA VAL A 72 4.35 -2.11 28.40
C VAL A 72 3.79 -1.04 29.31
N ILE A 73 3.54 0.14 28.76
CA ILE A 73 3.01 1.27 29.51
C ILE A 73 1.64 1.61 28.95
N HIS A 74 0.61 1.48 29.78
CA HIS A 74 -0.77 1.75 29.38
C HIS A 74 -1.22 3.05 30.03
N THR A 75 -1.65 4.00 29.20
CA THR A 75 -2.05 5.32 29.63
C THR A 75 -3.49 5.56 29.13
N GLU A 76 -4.13 6.62 29.65
CA GLU A 76 -5.54 6.88 29.32
C GLU A 76 -5.78 6.88 27.82
N ASN A 77 -4.95 7.59 27.05
CA ASN A 77 -5.20 7.72 25.62
C ASN A 77 -3.97 7.38 24.77
N LYS A 78 -2.98 6.70 25.33
CA LYS A 78 -1.85 6.23 24.54
C LYS A 78 -1.26 5.00 25.21
N LEU A 79 -0.47 4.26 24.42
CA LEU A 79 0.13 3.01 24.86
C LEU A 79 1.58 2.98 24.38
N TYR A 80 2.49 2.75 25.32
CA TYR A 80 3.92 2.72 25.02
C TYR A 80 4.42 1.30 25.15
N LEU A 81 5.14 0.84 24.13
CA LEU A 81 5.80 -0.46 24.16
C LEU A 81 7.30 -0.23 24.15
N VAL A 82 8.00 -0.79 25.13
CA VAL A 82 9.44 -0.65 25.25
C VAL A 82 10.05 -1.95 24.72
N PHE A 83 10.83 -1.84 23.65
CA PHE A 83 11.55 -2.95 23.07
C PHE A 83 13.05 -2.75 23.21
N GLU A 84 13.79 -3.85 23.22
CA GLU A 84 15.23 -3.76 23.07
C GLU A 84 15.56 -3.15 21.71
N PHE A 85 16.62 -2.34 21.67
CA PHE A 85 16.99 -1.61 20.47
C PHE A 85 18.03 -2.39 19.69
N LEU A 86 17.79 -2.54 18.39
CA LEU A 86 18.74 -3.14 17.46
C LEU A 86 19.06 -2.13 16.37
N HIS A 87 20.33 -2.08 15.96
CA HIS A 87 20.80 -0.96 15.16
C HIS A 87 20.22 -0.98 13.75
N GLN A 88 20.23 -2.14 13.09
CA GLN A 88 19.71 -2.24 11.73
C GLN A 88 19.10 -3.62 11.51
N ASP A 89 18.32 -3.71 10.43
CA ASP A 89 17.62 -4.94 10.07
C ASP A 89 18.36 -5.67 8.95
N LEU A 90 17.85 -6.86 8.61
CA LEU A 90 18.49 -7.67 7.58
C LEU A 90 18.37 -7.01 6.21
N LYS A 91 17.24 -6.37 5.93
CA LYS A 91 17.03 -5.75 4.63
C LYS A 91 18.10 -4.70 4.35
N LYS A 92 18.34 -3.80 5.31
CA LYS A 92 19.43 -2.84 5.20
C LYS A 92 20.78 -3.52 5.12
N PHE A 93 20.96 -4.63 5.83
CA PHE A 93 22.25 -5.30 5.86
C PHE A 93 22.61 -5.85 4.47
N MET A 94 21.66 -6.50 3.79
CA MET A 94 21.94 -6.97 2.44
C MET A 94 21.92 -5.83 1.42
N ASP A 95 21.17 -4.75 1.68
CA ASP A 95 21.24 -3.60 0.80
C ASP A 95 22.63 -2.96 0.84
N ALA A 96 23.26 -2.95 2.01
CA ALA A 96 24.63 -2.46 2.13
C ALA A 96 25.68 -3.51 1.78
N SER A 97 25.35 -4.79 1.92
CA SER A 97 26.25 -5.87 1.55
C SER A 97 26.08 -6.30 0.09
N ALA A 98 25.38 -5.51 -0.71
CA ALA A 98 25.29 -5.78 -2.13
C ALA A 98 26.64 -5.58 -2.80
N LEU A 99 26.85 -6.27 -3.92
CA LEU A 99 28.07 -6.20 -4.73
C LEU A 99 29.23 -6.91 -4.05
N THR A 100 29.04 -7.35 -2.80
CA THR A 100 30.06 -8.15 -2.12
C THR A 100 29.52 -9.45 -1.57
N GLY A 101 28.30 -9.45 -1.03
CA GLY A 101 27.69 -10.68 -0.55
C GLY A 101 27.95 -10.98 0.91
N ILE A 102 26.87 -11.24 1.66
CA ILE A 102 27.03 -11.67 3.06
C ILE A 102 27.74 -13.02 3.08
N PRO A 103 28.76 -13.21 3.92
CA PRO A 103 29.52 -14.46 3.89
C PRO A 103 28.67 -15.67 4.25
N LEU A 104 29.07 -16.83 3.72
CA LEU A 104 28.35 -18.07 3.97
C LEU A 104 28.25 -18.42 5.45
N PRO A 105 29.33 -18.36 6.25
CA PRO A 105 29.17 -18.63 7.69
C PRO A 105 28.16 -17.72 8.37
N LEU A 106 28.15 -16.43 7.99
CA LEU A 106 27.16 -15.51 8.55
C LEU A 106 25.75 -15.88 8.08
N ILE A 107 25.63 -16.31 6.82
CA ILE A 107 24.34 -16.75 6.30
C ILE A 107 23.81 -17.92 7.12
N LYS A 108 24.68 -18.91 7.36
CA LYS A 108 24.26 -20.10 8.10
C LYS A 108 23.90 -19.75 9.54
N SER A 109 24.70 -18.90 10.19
CA SER A 109 24.38 -18.50 11.56
C SER A 109 23.05 -17.76 11.63
N TYR A 110 22.81 -16.84 10.70
CA TYR A 110 21.56 -16.10 10.69
C TYR A 110 20.38 -17.02 10.45
N LEU A 111 20.51 -17.96 9.50
CA LEU A 111 19.42 -18.89 9.24
C LEU A 111 19.16 -19.81 10.43
N PHE A 112 20.23 -20.25 11.10
CA PHE A 112 20.07 -21.07 12.30
C PHE A 112 19.33 -20.33 13.39
N GLN A 113 19.69 -19.06 13.61
CA GLN A 113 19.00 -18.28 14.64
C GLN A 113 17.55 -18.02 14.26
N LEU A 114 17.28 -17.74 12.98
CA LEU A 114 15.91 -17.54 12.54
C LEU A 114 15.08 -18.80 12.73
N LEU A 115 15.65 -19.96 12.42
CA LEU A 115 14.92 -21.21 12.58
C LEU A 115 14.71 -21.54 14.05
N GLN A 116 15.68 -21.22 14.91
CA GLN A 116 15.48 -21.41 16.34
C GLN A 116 14.34 -20.54 16.86
N GLY A 117 14.33 -19.26 16.46
CA GLY A 117 13.25 -18.39 16.88
C GLY A 117 11.89 -18.83 16.36
N LEU A 118 11.85 -19.28 15.11
CA LEU A 118 10.59 -19.75 14.54
C LEU A 118 10.13 -21.05 15.19
N ALA A 119 11.07 -21.93 15.55
CA ALA A 119 10.70 -23.15 16.26
C ALA A 119 10.14 -22.83 17.63
N PHE A 120 10.72 -21.85 18.32
CA PHE A 120 10.15 -21.40 19.58
C PHE A 120 8.75 -20.82 19.37
N CYS A 121 8.55 -20.05 18.30
CA CYS A 121 7.25 -19.48 18.02
C CYS A 121 6.21 -20.57 17.75
N HIS A 122 6.57 -21.58 16.95
CA HIS A 122 5.61 -22.61 16.58
C HIS A 122 5.34 -23.57 17.72
N SER A 123 6.35 -23.86 18.55
CA SER A 123 6.12 -24.69 19.73
C SER A 123 5.31 -23.97 20.80
N HIS A 124 5.11 -22.66 20.65
CA HIS A 124 4.24 -21.89 21.51
C HIS A 124 2.94 -21.51 20.80
N ARG A 125 2.55 -22.33 19.81
CA ARG A 125 1.38 -22.10 18.95
C ARG A 125 1.24 -20.64 18.53
N VAL A 126 2.32 -20.09 17.99
CA VAL A 126 2.32 -18.75 17.41
C VAL A 126 2.72 -18.85 15.95
N LEU A 127 1.90 -18.29 15.08
CA LEU A 127 2.16 -18.23 13.64
C LEU A 127 2.57 -16.80 13.30
N HIS A 128 3.81 -16.63 12.81
CA HIS A 128 4.32 -15.28 12.57
C HIS A 128 3.63 -14.63 11.39
N ARG A 129 3.63 -15.29 10.23
CA ARG A 129 2.92 -14.91 9.02
C ARG A 129 3.47 -13.66 8.34
N ASP A 130 4.55 -13.05 8.86
CA ASP A 130 5.07 -11.81 8.29
C ASP A 130 6.58 -11.85 8.21
N LEU A 131 7.14 -12.98 7.77
CA LEU A 131 8.58 -13.16 7.71
C LEU A 131 9.11 -12.53 6.44
N LYS A 132 9.78 -11.39 6.57
CA LYS A 132 10.43 -10.69 5.48
C LYS A 132 11.70 -10.07 6.01
N PRO A 133 12.68 -9.79 5.13
CA PRO A 133 13.95 -9.25 5.62
C PRO A 133 13.81 -7.94 6.39
N GLN A 134 12.84 -7.12 6.06
CA GLN A 134 12.62 -5.88 6.80
C GLN A 134 12.09 -6.11 8.21
N ASN A 135 11.69 -7.34 8.54
CA ASN A 135 11.16 -7.67 9.85
C ASN A 135 12.16 -8.42 10.73
N LEU A 136 13.40 -8.56 10.28
CA LEU A 136 14.43 -9.29 11.01
C LEU A 136 15.51 -8.31 11.42
N LEU A 137 15.67 -8.10 12.73
CA LEU A 137 16.57 -7.07 13.24
C LEU A 137 17.86 -7.70 13.75
N ILE A 138 18.99 -7.16 13.33
CA ILE A 138 20.29 -7.65 13.77
C ILE A 138 20.93 -6.61 14.69
N ASN A 139 21.93 -7.05 15.44
CA ASN A 139 22.70 -6.20 16.33
C ASN A 139 24.17 -6.23 15.92
N THR A 140 25.02 -5.57 16.72
CA THR A 140 26.44 -5.47 16.41
C THR A 140 27.21 -6.72 16.78
N GLU A 141 26.70 -7.53 17.71
CA GLU A 141 27.39 -8.73 18.17
C GLU A 141 27.09 -9.96 17.34
N GLY A 142 26.30 -9.84 16.28
CA GLY A 142 26.04 -10.94 15.37
C GLY A 142 24.75 -11.69 15.58
N ALA A 143 23.85 -11.19 16.42
CA ALA A 143 22.57 -11.84 16.65
C ALA A 143 21.53 -11.30 15.68
N ILE A 144 20.54 -12.14 15.36
CA ILE A 144 19.40 -11.75 14.56
C ILE A 144 18.13 -12.20 15.28
N LYS A 145 17.12 -11.34 15.29
CA LYS A 145 15.89 -11.57 16.04
C LYS A 145 14.68 -11.30 15.16
N LEU A 146 13.68 -12.17 15.28
CA LEU A 146 12.40 -11.93 14.64
C LEU A 146 11.69 -10.75 15.30
N ALA A 147 11.02 -9.94 14.50
CA ALA A 147 10.34 -8.76 14.98
C ALA A 147 9.07 -8.55 14.17
N ASP A 148 8.35 -7.48 14.49
CA ASP A 148 7.11 -7.11 13.81
C ASP A 148 6.08 -8.23 13.86
N PHE A 149 5.65 -8.52 15.09
CA PHE A 149 4.62 -9.54 15.28
C PHE A 149 3.23 -8.92 15.12
N GLY A 150 3.02 -8.19 14.04
CA GLY A 150 1.75 -7.54 13.79
C GLY A 150 0.74 -8.45 13.12
N LEU A 151 1.24 -9.35 12.28
CA LEU A 151 0.40 -10.36 11.64
C LEU A 151 0.35 -11.66 12.41
N ALA A 152 1.06 -11.74 13.54
CA ALA A 152 1.16 -12.99 14.28
C ALA A 152 -0.20 -13.44 14.80
N ARG A 153 -0.43 -14.75 14.75
CA ARG A 153 -1.67 -15.35 15.21
C ARG A 153 -1.36 -16.59 16.02
N ALA A 154 -2.27 -16.92 16.93
CA ALA A 154 -2.19 -18.17 17.70
C ALA A 154 -3.06 -19.21 17.02
N PHE A 155 -2.47 -20.38 16.75
CA PHE A 155 -3.16 -21.44 16.01
C PHE A 155 -3.49 -22.64 16.90
N GLY A 156 -3.90 -22.39 18.14
CA GLY A 156 -4.54 -23.43 18.92
C GLY A 156 -5.79 -23.94 18.24
N VAL A 157 -6.47 -23.09 17.51
CA VAL A 157 -7.52 -23.47 16.57
C VAL A 157 -7.07 -23.00 15.19
N PRO A 158 -7.59 -23.60 14.12
CA PRO A 158 -7.12 -23.24 12.78
C PRO A 158 -7.29 -21.77 12.47
N VAL A 159 -6.30 -21.20 11.78
CA VAL A 159 -6.26 -19.79 11.44
C VAL A 159 -6.67 -19.64 9.98
N ARG A 160 -7.77 -18.93 9.74
CA ARG A 160 -8.29 -18.75 8.40
C ARG A 160 -7.51 -17.66 7.66
N THR A 161 -7.36 -17.85 6.35
CA THR A 161 -6.65 -16.88 5.52
C THR A 161 -7.52 -15.67 5.25
N TYR A 162 -6.95 -14.48 5.42
CA TYR A 162 -7.64 -13.22 5.18
C TYR A 162 -6.87 -12.44 4.13
N THR A 163 -7.58 -11.91 3.13
CA THR A 163 -6.92 -11.33 1.97
C THR A 163 -6.09 -10.11 2.33
N HIS A 164 -6.64 -9.22 3.16
CA HIS A 164 -5.98 -7.94 3.42
C HIS A 164 -4.76 -8.11 4.33
N GLU A 165 -4.86 -8.94 5.36
CA GLU A 165 -3.72 -9.22 6.23
C GLU A 165 -2.95 -10.40 5.65
N VAL A 166 -1.80 -10.11 5.05
CA VAL A 166 -1.00 -11.14 4.38
C VAL A 166 0.41 -10.60 4.13
N VAL A 167 1.39 -11.51 4.06
CA VAL A 167 2.77 -11.09 3.86
C VAL A 167 2.96 -10.51 2.46
N THR A 168 4.06 -9.81 2.27
CA THR A 168 4.38 -9.23 0.97
C THR A 168 4.53 -10.31 -0.07
N LEU A 169 4.28 -9.94 -1.34
CA LEU A 169 4.08 -10.91 -2.40
C LEU A 169 5.30 -11.80 -2.61
N TRP A 170 6.50 -11.27 -2.42
CA TRP A 170 7.72 -12.01 -2.76
C TRP A 170 7.95 -13.22 -1.87
N TYR A 171 7.40 -13.23 -0.67
CA TYR A 171 7.61 -14.32 0.28
C TYR A 171 6.30 -15.04 0.58
N ARG A 172 5.40 -15.05 -0.39
CA ARG A 172 4.04 -15.57 -0.21
C ARG A 172 3.96 -17.01 -0.70
N ALA A 173 3.40 -17.88 0.14
CA ALA A 173 3.31 -19.30 -0.19
C ALA A 173 2.28 -19.54 -1.30
N PRO A 174 2.51 -20.57 -2.13
CA PRO A 174 1.58 -20.81 -3.24
C PRO A 174 0.20 -21.28 -2.79
N GLU A 175 0.10 -21.90 -1.61
CA GLU A 175 -1.22 -22.27 -1.09
C GLU A 175 -2.06 -21.03 -0.83
N ILE A 176 -1.44 -19.96 -0.33
CA ILE A 176 -2.13 -18.69 -0.20
C ILE A 176 -2.43 -18.11 -1.58
N LEU A 177 -1.52 -18.30 -2.54
CA LEU A 177 -1.71 -17.75 -3.87
C LEU A 177 -2.76 -18.51 -4.67
N LEU A 178 -3.08 -19.75 -4.29
CA LEU A 178 -4.13 -20.51 -4.95
C LEU A 178 -5.46 -20.47 -4.21
N GLY A 179 -5.56 -19.66 -3.16
CA GLY A 179 -6.84 -19.46 -2.50
C GLY A 179 -7.17 -20.42 -1.39
N CYS A 180 -6.18 -20.98 -0.71
CA CYS A 180 -6.45 -21.88 0.40
C CYS A 180 -7.21 -21.15 1.51
N LYS A 181 -7.81 -21.94 2.40
CA LYS A 181 -8.70 -21.41 3.42
C LYS A 181 -8.05 -21.26 4.79
N TYR A 182 -7.09 -22.12 5.14
CA TYR A 182 -6.49 -22.09 6.47
C TYR A 182 -4.98 -21.96 6.38
N TYR A 183 -4.44 -21.14 7.28
CA TYR A 183 -3.00 -21.02 7.43
C TYR A 183 -2.43 -22.27 8.10
N SER A 184 -1.12 -22.43 7.96
CA SER A 184 -0.40 -23.51 8.64
C SER A 184 1.04 -23.06 8.82
N THR A 185 1.79 -23.81 9.65
CA THR A 185 3.18 -23.48 9.91
C THR A 185 4.05 -23.57 8.66
N ALA A 186 3.49 -24.05 7.54
CA ALA A 186 4.28 -24.18 6.32
C ALA A 186 4.55 -22.85 5.64
N VAL A 187 3.65 -21.87 5.83
CA VAL A 187 3.84 -20.58 5.16
C VAL A 187 5.04 -19.83 5.73
N ASP A 188 5.26 -19.92 7.04
CA ASP A 188 6.44 -19.32 7.65
C ASP A 188 7.71 -19.96 7.11
N ILE A 189 7.70 -21.29 6.96
CA ILE A 189 8.85 -22.01 6.41
C ILE A 189 9.11 -21.57 4.97
N TRP A 190 8.04 -21.39 4.20
CA TRP A 190 8.18 -20.91 2.82
C TRP A 190 8.83 -19.53 2.78
N SER A 191 8.37 -18.62 3.64
CA SER A 191 8.97 -17.29 3.69
C SER A 191 10.43 -17.35 4.12
N LEU A 192 10.75 -18.19 5.12
CA LEU A 192 12.13 -18.30 5.58
C LEU A 192 13.03 -18.88 4.49
N GLY A 193 12.51 -19.85 3.73
CA GLY A 193 13.29 -20.37 2.62
C GLY A 193 13.52 -19.34 1.53
N CYS A 194 12.50 -18.53 1.24
CA CYS A 194 12.69 -17.45 0.29
C CYS A 194 13.73 -16.45 0.78
N ILE A 195 13.72 -16.13 2.08
CA ILE A 195 14.71 -15.23 2.65
C ILE A 195 16.11 -15.83 2.57
N PHE A 196 16.21 -17.14 2.84
CA PHE A 196 17.49 -17.83 2.74
C PHE A 196 18.04 -17.75 1.31
N ALA A 197 17.18 -18.03 0.32
CA ALA A 197 17.61 -17.92 -1.08
C ALA A 197 17.99 -16.48 -1.43
N GLU A 198 17.25 -15.50 -0.91
CA GLU A 198 17.57 -14.10 -1.18
C GLU A 198 18.92 -13.73 -0.61
N MET A 199 19.21 -14.17 0.62
CA MET A 199 20.51 -13.92 1.21
C MET A 199 21.62 -14.56 0.40
N VAL A 200 21.38 -15.77 -0.12
CA VAL A 200 22.40 -16.45 -0.91
C VAL A 200 22.64 -15.77 -2.25
N THR A 201 21.57 -15.36 -2.96
CA THR A 201 21.67 -14.83 -4.30
C THR A 201 21.59 -13.31 -4.37
N ARG A 202 21.45 -12.63 -3.23
CA ARG A 202 21.40 -11.16 -3.16
C ARG A 202 20.21 -10.59 -3.93
N ARG A 203 19.18 -11.39 -4.16
CA ARG A 203 17.98 -10.91 -4.84
C ARG A 203 16.81 -11.81 -4.48
N ALA A 204 15.60 -11.30 -4.71
CA ALA A 204 14.40 -12.06 -4.41
C ALA A 204 14.30 -13.30 -5.29
N LEU A 205 13.88 -14.41 -4.69
CA LEU A 205 13.67 -15.64 -5.45
C LEU A 205 12.52 -15.49 -6.43
N PHE A 206 11.41 -14.90 -5.99
CA PHE A 206 10.24 -14.66 -6.84
C PHE A 206 9.86 -13.19 -6.74
N PRO A 207 10.49 -12.32 -7.52
CA PRO A 207 10.14 -10.89 -7.49
C PRO A 207 8.93 -10.57 -8.36
N GLY A 208 7.81 -11.22 -8.06
CA GLY A 208 6.61 -11.00 -8.83
C GLY A 208 5.98 -9.65 -8.56
N ASP A 209 5.16 -9.20 -9.51
CA ASP A 209 4.47 -7.92 -9.40
C ASP A 209 2.99 -8.04 -9.11
N SER A 210 2.37 -9.16 -9.48
CA SER A 210 0.97 -9.41 -9.18
C SER A 210 0.84 -10.82 -8.60
N GLU A 211 -0.37 -11.17 -8.16
CA GLU A 211 -0.63 -12.51 -7.66
C GLU A 211 -0.41 -13.54 -8.76
N ILE A 212 -0.95 -13.28 -9.95
CA ILE A 212 -0.75 -14.20 -11.06
C ILE A 212 0.71 -14.25 -11.46
N ASP A 213 1.39 -13.11 -11.48
CA ASP A 213 2.81 -13.10 -11.82
C ASP A 213 3.63 -13.84 -10.78
N GLN A 214 3.31 -13.66 -9.50
CA GLN A 214 4.03 -14.40 -8.45
C GLN A 214 3.82 -15.90 -8.59
N LEU A 215 2.56 -16.31 -8.85
CA LEU A 215 2.28 -17.73 -9.03
C LEU A 215 3.01 -18.28 -10.26
N PHE A 216 3.10 -17.48 -11.33
CA PHE A 216 3.76 -17.96 -12.54
C PHE A 216 5.27 -18.05 -12.35
N ARG A 217 5.86 -17.11 -11.62
CA ARG A 217 7.29 -17.22 -11.31
C ARG A 217 7.57 -18.45 -10.45
N ILE A 218 6.68 -18.72 -9.48
CA ILE A 218 6.84 -19.92 -8.66
C ILE A 218 6.74 -21.17 -9.53
N PHE A 219 5.75 -21.20 -10.42
CA PHE A 219 5.57 -22.37 -11.29
C PHE A 219 6.76 -22.54 -12.23
N ARG A 220 7.31 -21.43 -12.73
CA ARG A 220 8.45 -21.49 -13.62
C ARG A 220 9.68 -22.02 -12.91
N THR A 221 9.91 -21.58 -11.68
CA THR A 221 11.12 -22.00 -10.96
C THR A 221 11.00 -23.41 -10.41
N LEU A 222 9.80 -23.86 -10.03
CA LEU A 222 9.64 -25.15 -9.36
C LEU A 222 8.82 -26.15 -10.17
N GLY A 223 8.26 -25.76 -11.31
CA GLY A 223 7.44 -26.67 -12.08
C GLY A 223 5.96 -26.51 -11.78
N THR A 224 5.12 -26.63 -12.80
CA THR A 224 3.68 -26.51 -12.60
C THR A 224 3.16 -27.66 -11.76
N PRO A 225 2.34 -27.41 -10.74
CA PRO A 225 1.94 -28.49 -9.82
C PRO A 225 0.81 -29.34 -10.40
N ASP A 226 1.03 -30.64 -10.44
CA ASP A 226 -0.01 -31.62 -10.71
C ASP A 226 -0.39 -32.30 -9.40
N GLU A 227 -1.42 -33.13 -9.44
CA GLU A 227 -1.88 -33.80 -8.22
C GLU A 227 -0.84 -34.76 -7.65
N VAL A 228 0.17 -35.15 -8.43
CA VAL A 228 1.20 -36.05 -7.91
C VAL A 228 2.07 -35.34 -6.88
N VAL A 229 2.53 -34.13 -7.21
CA VAL A 229 3.39 -33.39 -6.27
C VAL A 229 2.56 -32.79 -5.14
N TRP A 230 1.38 -32.26 -5.47
CA TRP A 230 0.51 -31.61 -4.49
C TRP A 230 -0.89 -32.22 -4.62
N PRO A 231 -1.16 -33.32 -3.93
CA PRO A 231 -2.51 -33.90 -3.97
C PRO A 231 -3.56 -32.93 -3.45
N GLY A 232 -4.56 -32.67 -4.29
CA GLY A 232 -5.59 -31.72 -3.97
C GLY A 232 -5.44 -30.35 -4.60
N VAL A 233 -4.36 -30.13 -5.35
CA VAL A 233 -4.12 -28.81 -5.94
C VAL A 233 -5.19 -28.49 -6.99
N THR A 234 -5.64 -29.49 -7.74
CA THR A 234 -6.60 -29.23 -8.81
C THR A 234 -7.98 -28.84 -8.29
N SER A 235 -8.25 -29.06 -7.01
CA SER A 235 -9.51 -28.65 -6.40
C SER A 235 -9.38 -27.38 -5.57
N MET A 236 -8.22 -26.73 -5.62
CA MET A 236 -8.06 -25.45 -4.93
C MET A 236 -8.98 -24.41 -5.54
N PRO A 237 -9.47 -23.46 -4.74
CA PRO A 237 -10.50 -22.53 -5.24
C PRO A 237 -10.09 -21.76 -6.48
N ASP A 238 -8.83 -21.33 -6.58
CA ASP A 238 -8.38 -20.49 -7.68
C ASP A 238 -7.49 -21.25 -8.66
N TYR A 239 -7.43 -22.56 -8.57
CA TYR A 239 -6.64 -23.34 -9.52
C TYR A 239 -7.40 -23.47 -10.83
N LYS A 240 -6.80 -23.01 -11.91
CA LYS A 240 -7.36 -23.11 -13.24
C LYS A 240 -6.67 -24.22 -14.01
N PRO A 241 -7.41 -25.10 -14.67
CA PRO A 241 -6.76 -26.24 -15.37
C PRO A 241 -5.79 -25.81 -16.45
N SER A 242 -6.05 -24.70 -17.14
CA SER A 242 -5.22 -24.27 -18.25
C SER A 242 -3.95 -23.55 -17.83
N PHE A 243 -3.53 -23.70 -16.57
CA PHE A 243 -2.29 -23.10 -16.13
C PHE A 243 -1.13 -23.63 -16.97
N PRO A 244 -0.20 -22.79 -17.42
CA PRO A 244 0.89 -23.27 -18.27
C PRO A 244 1.74 -24.31 -17.55
N LYS A 245 2.21 -25.31 -18.30
CA LYS A 245 2.97 -26.43 -17.75
C LYS A 245 4.45 -26.15 -17.94
N TRP A 246 4.99 -25.30 -17.06
CA TRP A 246 6.43 -25.12 -17.00
C TRP A 246 7.07 -26.36 -16.38
N ALA A 247 8.38 -26.47 -16.58
CA ALA A 247 9.16 -27.60 -16.07
C ALA A 247 10.13 -27.11 -15.01
N ARG A 248 10.35 -27.94 -14.00
CA ARG A 248 11.22 -27.55 -12.90
C ARG A 248 12.67 -27.49 -13.39
N GLN A 249 13.34 -26.38 -13.07
CA GLN A 249 14.75 -26.23 -13.38
C GLN A 249 15.59 -26.63 -12.18
N ASP A 250 16.76 -27.23 -12.47
CA ASP A 250 17.60 -27.76 -11.41
C ASP A 250 18.13 -26.62 -10.56
N PHE A 251 18.26 -26.89 -9.25
CA PHE A 251 18.58 -25.86 -8.27
C PHE A 251 19.98 -25.29 -8.43
N SER A 252 20.84 -25.89 -9.26
CA SER A 252 22.19 -25.39 -9.42
C SER A 252 22.20 -23.97 -9.98
N LYS A 253 21.30 -23.67 -10.91
CA LYS A 253 21.17 -22.32 -11.43
C LYS A 253 20.17 -21.47 -10.65
N VAL A 254 19.46 -22.05 -9.70
CA VAL A 254 18.58 -21.26 -8.84
C VAL A 254 19.37 -20.59 -7.73
N VAL A 255 20.20 -21.35 -7.02
CA VAL A 255 21.06 -20.82 -5.97
C VAL A 255 22.48 -21.34 -6.21
N PRO A 256 23.26 -20.67 -7.06
CA PRO A 256 24.59 -21.19 -7.42
C PRO A 256 25.51 -21.39 -6.22
N PRO A 257 25.75 -20.36 -5.40
CA PRO A 257 26.80 -20.50 -4.37
C PRO A 257 26.50 -21.55 -3.31
N LEU A 258 25.23 -21.92 -3.12
CA LEU A 258 24.89 -22.89 -2.09
C LEU A 258 25.39 -24.28 -2.48
N ASP A 259 25.79 -25.05 -1.46
CA ASP A 259 26.29 -26.40 -1.67
C ASP A 259 25.13 -27.40 -1.69
N GLU A 260 25.46 -28.69 -1.69
CA GLU A 260 24.43 -29.72 -1.77
C GLU A 260 23.54 -29.69 -0.54
N ASP A 261 24.13 -29.56 0.64
CA ASP A 261 23.33 -29.53 1.87
C ASP A 261 22.37 -28.34 1.88
N GLY A 262 22.87 -27.16 1.51
CA GLY A 262 22.03 -25.98 1.46
C GLY A 262 20.92 -26.11 0.44
N ARG A 263 21.23 -26.67 -0.73
CA ARG A 263 20.22 -26.84 -1.77
C ARG A 263 19.16 -27.85 -1.34
N SER A 264 19.56 -28.94 -0.70
CA SER A 264 18.60 -29.92 -0.20
C SER A 264 17.70 -29.30 0.85
N LEU A 265 18.28 -28.55 1.80
CA LEU A 265 17.46 -27.89 2.80
C LEU A 265 16.48 -26.92 2.17
N LEU A 266 16.96 -26.11 1.22
CA LEU A 266 16.11 -25.13 0.57
C LEU A 266 14.97 -25.79 -0.20
N SER A 267 15.25 -26.93 -0.86
CA SER A 267 14.20 -27.64 -1.55
C SER A 267 13.21 -28.27 -0.58
N GLN A 268 13.65 -28.58 0.64
CA GLN A 268 12.68 -29.02 1.65
C GLN A 268 11.85 -27.84 2.18
N MET A 269 12.40 -26.62 2.18
CA MET A 269 11.60 -25.48 2.58
C MET A 269 10.67 -24.98 1.48
N LEU A 270 10.83 -25.46 0.25
CA LEU A 270 10.03 -25.00 -0.89
C LEU A 270 9.22 -26.15 -1.48
N HIS A 271 8.65 -26.99 -0.64
CA HIS A 271 7.74 -28.04 -1.10
C HIS A 271 6.37 -27.44 -1.39
N TYR A 272 5.77 -27.87 -2.50
CA TYR A 272 4.46 -27.36 -2.88
C TYR A 272 3.40 -27.73 -1.84
N ASP A 273 3.38 -29.00 -1.45
CA ASP A 273 2.42 -29.46 -0.45
C ASP A 273 2.80 -28.90 0.91
N PRO A 274 1.92 -28.13 1.58
CA PRO A 274 2.26 -27.65 2.92
C PRO A 274 2.52 -28.76 3.92
N ASN A 275 1.91 -29.94 3.74
CA ASN A 275 2.13 -31.04 4.67
C ASN A 275 3.54 -31.59 4.56
N LYS A 276 4.08 -31.65 3.35
CA LYS A 276 5.41 -32.22 3.13
C LYS A 276 6.53 -31.23 3.39
N ARG A 277 6.23 -29.95 3.54
CA ARG A 277 7.26 -28.95 3.79
C ARG A 277 7.92 -29.21 5.14
N ILE A 278 9.24 -28.97 5.20
CA ILE A 278 9.99 -29.26 6.41
C ILE A 278 9.57 -28.32 7.53
N SER A 279 9.48 -28.85 8.74
CA SER A 279 9.12 -28.04 9.90
C SER A 279 10.36 -27.33 10.44
N ALA A 280 10.11 -26.38 11.36
CA ALA A 280 11.18 -25.51 11.83
C ALA A 280 12.26 -26.28 12.57
N LYS A 281 11.86 -27.14 13.52
CA LYS A 281 12.86 -27.88 14.29
C LYS A 281 13.46 -29.03 13.49
N ALA A 282 12.67 -29.65 12.60
CA ALA A 282 13.23 -30.61 11.67
C ALA A 282 14.27 -29.95 10.76
N ALA A 283 14.05 -28.69 10.39
CA ALA A 283 15.07 -27.93 9.69
C ALA A 283 16.27 -27.66 10.60
N LEU A 284 16.02 -27.40 11.88
CA LEU A 284 17.10 -27.24 12.84
C LEU A 284 17.95 -28.50 12.96
N ALA A 285 17.39 -29.66 12.60
CA ALA A 285 18.11 -30.93 12.64
C ALA A 285 18.56 -31.37 11.26
N HIS A 286 18.98 -30.40 10.40
CA HIS A 286 19.46 -30.71 9.06
C HIS A 286 20.98 -30.72 9.02
N PRO A 287 21.58 -31.53 8.14
CA PRO A 287 23.04 -31.52 8.01
C PRO A 287 23.62 -30.18 7.59
N PHE A 288 22.80 -29.25 7.10
CA PHE A 288 23.30 -27.94 6.72
C PHE A 288 23.93 -27.21 7.90
N PHE A 289 23.45 -27.47 9.12
CA PHE A 289 23.89 -26.77 10.32
C PHE A 289 24.85 -27.59 11.18
N GLN A 290 25.59 -28.52 10.57
CA GLN A 290 26.56 -29.29 11.33
C GLN A 290 27.72 -28.41 11.80
N ASP A 291 28.05 -27.38 11.03
CA ASP A 291 29.13 -26.45 11.38
C ASP A 291 28.55 -25.04 11.32
N VAL A 292 27.98 -24.58 12.43
CA VAL A 292 27.46 -23.23 12.55
C VAL A 292 28.14 -22.58 13.75
N THR A 293 28.79 -21.44 13.50
CA THR A 293 29.50 -20.69 14.54
C THR A 293 29.20 -19.21 14.30
N LYS A 294 28.41 -18.62 15.20
CA LYS A 294 27.97 -17.23 15.14
C LYS A 294 29.16 -16.29 14.95
N PRO A 295 29.30 -15.66 13.76
CA PRO A 295 30.43 -14.80 13.44
C PRO A 295 30.09 -13.32 13.53
N PRO B 179 2.08 -33.06 13.12
CA PRO B 179 3.08 -32.06 13.50
C PRO B 179 4.02 -32.57 14.57
N ASP B 180 5.33 -32.34 14.41
CA ASP B 180 6.28 -32.81 15.43
C ASP B 180 6.34 -31.85 16.60
N TYR B 181 5.92 -30.60 16.40
CA TYR B 181 5.80 -29.64 17.49
C TYR B 181 4.52 -29.83 18.29
N HIS B 182 3.59 -30.64 17.79
CA HIS B 182 2.25 -30.74 18.37
C HIS B 182 2.32 -31.10 19.84
N GLU B 183 3.09 -32.14 20.19
CA GLU B 183 3.26 -32.49 21.60
C GLU B 183 3.70 -31.28 22.41
N ASP B 184 4.74 -30.59 21.95
CA ASP B 184 5.20 -29.38 22.64
C ASP B 184 4.05 -28.42 22.87
N ILE B 185 3.25 -28.16 21.83
CA ILE B 185 2.13 -27.23 21.98
C ILE B 185 1.23 -27.69 23.11
N HIS B 186 0.86 -28.98 23.10
CA HIS B 186 0.01 -29.50 24.17
C HIS B 186 0.68 -29.27 25.53
N THR B 187 1.96 -29.63 25.64
CA THR B 187 2.66 -29.39 26.89
C THR B 187 2.62 -27.92 27.25
N TYR B 188 2.89 -27.05 26.26
CA TYR B 188 2.84 -25.62 26.53
C TYR B 188 1.47 -25.20 26.99
N LEU B 189 0.42 -25.75 26.37
CA LEU B 189 -0.93 -25.44 26.82
C LEU B 189 -1.11 -25.82 28.29
N ARG B 190 -0.65 -27.02 28.65
CA ARG B 190 -0.78 -27.47 30.02
C ARG B 190 -0.01 -26.57 30.97
N GLU B 191 1.03 -25.90 30.47
CA GLU B 191 1.79 -24.99 31.30
C GLU B 191 1.02 -23.70 31.55
N MET B 192 0.30 -23.21 30.54
CA MET B 192 -0.33 -21.90 30.69
C MET B 192 -1.75 -21.97 31.23
N GLU B 193 -2.44 -23.10 31.06
CA GLU B 193 -3.77 -23.22 31.65
C GLU B 193 -3.71 -23.08 33.17
N VAL B 194 -2.57 -23.43 33.78
CA VAL B 194 -2.38 -23.17 35.20
C VAL B 194 -2.23 -21.68 35.46
N LYS B 195 -1.42 -20.99 34.65
CA LYS B 195 -1.17 -19.56 34.88
C LYS B 195 -2.32 -18.68 34.45
N CYS B 196 -3.28 -19.20 33.69
CA CYS B 196 -4.45 -18.44 33.26
C CYS B 196 -5.73 -18.90 33.95
N LYS B 197 -5.62 -19.74 34.98
CA LYS B 197 -6.81 -20.19 35.66
C LYS B 197 -7.35 -19.10 36.59
N PRO B 198 -8.67 -18.92 36.63
CA PRO B 198 -9.26 -17.97 37.60
C PRO B 198 -9.13 -18.49 39.02
N LYS B 199 -9.13 -17.55 39.96
CA LYS B 199 -9.03 -17.89 41.37
C LYS B 199 -10.28 -18.65 41.80
N VAL B 200 -10.10 -19.89 42.26
CA VAL B 200 -11.25 -20.67 42.71
C VAL B 200 -11.78 -20.09 44.01
N GLY B 201 -13.09 -20.13 44.19
CA GLY B 201 -13.70 -19.53 45.35
C GLY B 201 -13.83 -18.02 45.28
N TYR B 202 -13.47 -17.40 44.16
CA TYR B 202 -13.66 -15.96 44.00
C TYR B 202 -15.12 -15.58 43.99
N MET B 203 -16.03 -16.54 43.83
CA MET B 203 -17.43 -16.22 43.61
C MET B 203 -18.10 -15.71 44.88
N LYS B 204 -17.70 -16.25 46.04
CA LYS B 204 -18.26 -15.82 47.32
C LYS B 204 -17.63 -14.54 47.84
N LYS B 205 -16.50 -14.11 47.28
CA LYS B 205 -15.91 -12.82 47.63
C LYS B 205 -16.51 -11.67 46.84
N GLN B 206 -17.46 -11.96 45.95
CA GLN B 206 -18.18 -10.91 45.23
C GLN B 206 -19.41 -10.51 46.02
N PRO B 207 -19.51 -9.26 46.47
CA PRO B 207 -20.64 -8.90 47.35
C PRO B 207 -21.96 -8.75 46.64
N ASP B 208 -21.96 -8.55 45.32
CA ASP B 208 -23.18 -8.18 44.61
C ASP B 208 -23.71 -9.23 43.66
N ILE B 209 -22.85 -9.97 42.96
CA ILE B 209 -23.26 -10.82 41.85
C ILE B 209 -23.10 -12.29 42.26
N THR B 210 -24.05 -13.12 41.80
CA THR B 210 -24.10 -14.54 42.13
C THR B 210 -23.97 -15.38 40.86
N ASN B 211 -23.96 -16.70 41.03
CA ASN B 211 -23.66 -17.62 39.93
C ASN B 211 -24.78 -17.64 38.88
N SER B 212 -26.03 -17.47 39.30
CA SER B 212 -27.13 -17.53 38.35
C SER B 212 -27.02 -16.45 37.28
N MET B 213 -26.67 -15.23 37.69
CA MET B 213 -26.53 -14.15 36.72
C MET B 213 -25.26 -14.30 35.90
N ARG B 214 -24.23 -14.96 36.43
CA ARG B 214 -23.09 -15.33 35.61
C ARG B 214 -23.51 -16.29 34.49
N ALA B 215 -24.35 -17.28 34.83
CA ALA B 215 -24.88 -18.19 33.82
C ALA B 215 -25.71 -17.44 32.78
N ILE B 216 -26.53 -16.50 33.24
CA ILE B 216 -27.32 -15.69 32.31
C ILE B 216 -26.40 -14.90 31.37
N LEU B 217 -25.32 -14.35 31.91
CA LEU B 217 -24.37 -13.61 31.08
C LEU B 217 -23.71 -14.51 30.04
N VAL B 218 -23.34 -15.74 30.43
CA VAL B 218 -22.74 -16.66 29.48
C VAL B 218 -23.75 -17.04 28.39
N ASP B 219 -25.02 -17.23 28.77
CA ASP B 219 -26.04 -17.52 27.78
C ASP B 219 -26.22 -16.35 26.80
N TRP B 220 -26.18 -15.12 27.32
CA TRP B 220 -26.27 -13.97 26.44
C TRP B 220 -25.07 -13.91 25.48
N LEU B 221 -23.89 -14.27 25.98
CA LEU B 221 -22.71 -14.31 25.12
C LEU B 221 -22.87 -15.36 24.03
N VAL B 222 -23.47 -16.50 24.36
CA VAL B 222 -23.76 -17.51 23.33
C VAL B 222 -24.70 -16.95 22.28
N GLU B 223 -25.74 -16.22 22.73
CA GLU B 223 -26.66 -15.58 21.79
C GLU B 223 -25.93 -14.59 20.89
N VAL B 224 -25.01 -13.80 21.45
CA VAL B 224 -24.26 -12.83 20.66
C VAL B 224 -23.39 -13.55 19.63
N GLY B 225 -22.72 -14.61 20.04
CA GLY B 225 -21.91 -15.39 19.12
C GLY B 225 -22.74 -15.96 17.97
N GLU B 226 -23.96 -16.40 18.28
CA GLU B 226 -24.86 -16.83 17.22
C GLU B 226 -25.23 -15.67 16.29
N GLU B 227 -25.51 -14.50 16.87
CA GLU B 227 -25.98 -13.37 16.06
C GLU B 227 -24.90 -12.89 15.11
N TYR B 228 -23.65 -12.80 15.57
CA TYR B 228 -22.57 -12.28 14.76
C TYR B 228 -21.74 -13.38 14.09
N LYS B 229 -22.16 -14.64 14.23
CA LYS B 229 -21.46 -15.78 13.63
C LYS B 229 -19.98 -15.79 14.03
N LEU B 230 -19.74 -15.75 15.33
CA LEU B 230 -18.39 -15.83 15.86
C LEU B 230 -18.03 -17.28 16.17
N GLN B 231 -16.72 -17.55 16.18
CA GLN B 231 -16.24 -18.89 16.48
C GLN B 231 -16.46 -19.23 17.96
N ASN B 232 -16.43 -20.52 18.26
CA ASN B 232 -16.57 -20.96 19.64
C ASN B 232 -15.36 -20.57 20.47
N GLU B 233 -14.19 -20.45 19.84
CA GLU B 233 -12.99 -20.03 20.56
C GLU B 233 -13.16 -18.63 21.13
N THR B 234 -13.82 -17.74 20.39
CA THR B 234 -14.08 -16.40 20.91
C THR B 234 -14.94 -16.46 22.18
N LEU B 235 -15.98 -17.28 22.16
CA LEU B 235 -16.84 -17.41 23.35
C LEU B 235 -16.07 -17.97 24.54
N HIS B 236 -15.28 -19.01 24.31
CA HIS B 236 -14.52 -19.60 25.42
C HIS B 236 -13.50 -18.61 25.97
N LEU B 237 -12.80 -17.88 25.09
CA LEU B 237 -11.84 -16.88 25.53
C LEU B 237 -12.52 -15.77 26.32
N ALA B 238 -13.69 -15.32 25.86
CA ALA B 238 -14.41 -14.27 26.58
C ALA B 238 -14.84 -14.75 27.96
N VAL B 239 -15.31 -15.99 28.07
CA VAL B 239 -15.69 -16.53 29.37
C VAL B 239 -14.48 -16.58 30.29
N ASN B 240 -13.34 -17.04 29.77
CA ASN B 240 -12.13 -17.08 30.59
C ASN B 240 -11.70 -15.69 31.04
N TYR B 241 -11.77 -14.70 30.14
CA TYR B 241 -11.41 -13.34 30.50
C TYR B 241 -12.32 -12.80 31.59
N ILE B 242 -13.63 -13.06 31.47
CA ILE B 242 -14.58 -12.61 32.48
C ILE B 242 -14.25 -13.23 33.84
N ASP B 243 -14.00 -14.55 33.84
CA ASP B 243 -13.73 -15.23 35.11
C ASP B 243 -12.44 -14.73 35.74
N ARG B 244 -11.42 -14.45 34.93
CA ARG B 244 -10.17 -13.93 35.48
C ARG B 244 -10.34 -12.51 35.99
N PHE B 245 -11.12 -11.68 35.28
CA PHE B 245 -11.36 -10.31 35.71
C PHE B 245 -12.10 -10.28 37.05
N LEU B 246 -13.15 -11.09 37.17
CA LEU B 246 -13.94 -11.09 38.40
C LEU B 246 -13.21 -11.70 39.59
N SER B 247 -12.07 -12.35 39.37
CA SER B 247 -11.30 -12.92 40.47
C SER B 247 -10.43 -11.90 41.17
N SER B 248 -10.35 -10.66 40.67
CA SER B 248 -9.54 -9.62 41.27
C SER B 248 -10.25 -8.29 41.44
N MET B 249 -11.40 -8.09 40.79
CA MET B 249 -12.14 -6.84 40.90
C MET B 249 -13.60 -7.14 41.27
N SER B 250 -14.16 -6.28 42.12
CA SER B 250 -15.57 -6.37 42.48
C SER B 250 -16.38 -5.53 41.50
N VAL B 251 -17.40 -6.13 40.91
CA VAL B 251 -18.17 -5.52 39.85
C VAL B 251 -19.64 -5.55 40.24
N LEU B 252 -20.30 -4.41 40.16
CA LEU B 252 -21.72 -4.33 40.50
C LEU B 252 -22.57 -5.08 39.48
N ARG B 253 -23.78 -5.44 39.90
CA ARG B 253 -24.66 -6.20 39.01
C ARG B 253 -25.04 -5.43 37.76
N GLY B 254 -24.90 -4.10 37.78
CA GLY B 254 -25.20 -3.33 36.59
C GLY B 254 -24.07 -3.37 35.57
N LYS B 255 -22.83 -3.53 36.04
CA LYS B 255 -21.67 -3.52 35.17
C LYS B 255 -21.19 -4.91 34.76
N LEU B 256 -21.84 -5.97 35.25
CA LEU B 256 -21.44 -7.31 34.85
C LEU B 256 -21.64 -7.55 33.36
N GLN B 257 -22.76 -7.07 32.82
CA GLN B 257 -22.98 -7.18 31.38
C GLN B 257 -21.98 -6.36 30.60
N LEU B 258 -21.57 -5.19 31.13
CA LEU B 258 -20.51 -4.43 30.48
C LEU B 258 -19.19 -5.19 30.49
N VAL B 259 -18.89 -5.89 31.58
CA VAL B 259 -17.70 -6.73 31.63
C VAL B 259 -17.78 -7.80 30.56
N GLY B 260 -18.95 -8.43 30.43
CA GLY B 260 -19.12 -9.44 29.40
C GLY B 260 -18.94 -8.90 28.00
N THR B 261 -19.50 -7.72 27.74
CA THR B 261 -19.38 -7.12 26.41
C THR B 261 -17.92 -6.77 26.10
N ALA B 262 -17.21 -6.18 27.06
CA ALA B 262 -15.82 -5.82 26.83
C ALA B 262 -14.95 -7.05 26.64
N ALA B 263 -15.18 -8.10 27.43
CA ALA B 263 -14.41 -9.34 27.27
C ALA B 263 -14.72 -9.99 25.92
N MET B 264 -15.98 -9.97 25.49
CA MET B 264 -16.33 -10.51 24.18
C MET B 264 -15.66 -9.73 23.06
N LEU B 265 -15.61 -8.39 23.20
CA LEU B 265 -14.92 -7.57 22.21
C LEU B 265 -13.43 -7.89 22.17
N LEU B 266 -12.82 -8.07 23.33
CA LEU B 266 -11.39 -8.42 23.37
C LEU B 266 -11.14 -9.78 22.74
N ALA B 267 -12.01 -10.76 23.03
CA ALA B 267 -11.86 -12.09 22.44
C ALA B 267 -12.06 -12.05 20.94
N SER B 268 -12.97 -11.20 20.46
CA SER B 268 -13.15 -11.05 19.02
C SER B 268 -11.93 -10.40 18.38
N LYS B 269 -11.35 -9.39 19.05
CA LYS B 269 -10.14 -8.77 18.54
C LYS B 269 -8.99 -9.76 18.47
N PHE B 270 -8.87 -10.63 19.47
CA PHE B 270 -7.79 -11.60 19.51
C PHE B 270 -7.99 -12.78 18.57
N GLU B 271 -9.22 -13.22 18.36
CA GLU B 271 -9.48 -14.49 17.68
C GLU B 271 -10.12 -14.34 16.30
N GLU B 272 -11.03 -13.39 16.11
CA GLU B 272 -11.73 -13.29 14.84
C GLU B 272 -10.79 -12.77 13.75
N ILE B 273 -11.17 -13.04 12.50
CA ILE B 273 -10.44 -12.45 11.38
C ILE B 273 -10.56 -10.94 11.38
N TYR B 274 -11.77 -10.43 11.58
CA TYR B 274 -11.99 -9.02 11.73
C TYR B 274 -13.11 -8.90 12.75
N PRO B 275 -12.91 -8.15 13.83
CA PRO B 275 -13.93 -8.04 14.87
C PRO B 275 -15.01 -7.06 14.45
N PRO B 276 -16.24 -7.23 14.94
CA PRO B 276 -17.27 -6.22 14.70
C PRO B 276 -16.88 -4.92 15.38
N GLU B 277 -17.28 -3.80 14.78
CA GLU B 277 -17.03 -2.52 15.42
C GLU B 277 -17.78 -2.42 16.74
N VAL B 278 -17.28 -1.53 17.61
CA VAL B 278 -17.87 -1.36 18.94
C VAL B 278 -19.32 -0.92 18.84
N ALA B 279 -19.71 -0.31 17.71
CA ALA B 279 -21.10 0.10 17.52
C ALA B 279 -22.03 -1.10 17.59
N GLU B 280 -21.63 -2.22 16.98
CA GLU B 280 -22.45 -3.42 17.06
C GLU B 280 -22.36 -4.09 18.43
N PHE B 281 -21.25 -3.91 19.14
CA PHE B 281 -21.12 -4.47 20.48
C PHE B 281 -21.92 -3.68 21.51
N VAL B 282 -22.25 -2.43 21.23
CA VAL B 282 -23.16 -1.68 22.11
C VAL B 282 -24.59 -1.73 21.63
N TYR B 283 -24.83 -1.97 20.33
CA TYR B 283 -26.18 -2.10 19.82
C TYR B 283 -26.84 -3.39 20.28
N ILE B 284 -26.04 -4.45 20.49
CA ILE B 284 -26.61 -5.72 20.92
C ILE B 284 -27.17 -5.61 22.34
N THR B 285 -26.64 -4.70 23.15
CA THR B 285 -27.11 -4.49 24.51
C THR B 285 -28.20 -3.43 24.60
N ASP B 286 -28.95 -3.20 23.51
CA ASP B 286 -29.93 -2.14 23.37
C ASP B 286 -29.45 -0.83 23.98
N ASP B 287 -28.16 -0.54 23.80
CA ASP B 287 -27.55 0.71 24.24
C ASP B 287 -27.64 0.87 25.76
N THR B 288 -27.48 -0.23 26.49
CA THR B 288 -27.42 -0.17 27.95
C THR B 288 -26.19 0.63 28.40
N TYR B 289 -25.05 0.41 27.75
CA TYR B 289 -23.84 1.16 27.99
C TYR B 289 -23.43 1.85 26.70
N THR B 290 -22.96 3.10 26.81
CA THR B 290 -22.49 3.81 25.64
C THR B 290 -21.17 3.20 25.16
N LYS B 291 -20.72 3.65 23.99
CA LYS B 291 -19.47 3.16 23.44
C LYS B 291 -18.28 3.52 24.31
N LYS B 292 -18.32 4.70 24.94
CA LYS B 292 -17.20 5.12 25.79
C LYS B 292 -17.06 4.22 27.00
N GLN B 293 -18.18 3.79 27.58
CA GLN B 293 -18.11 2.86 28.71
C GLN B 293 -17.49 1.54 28.30
N VAL B 294 -17.88 1.01 27.13
CA VAL B 294 -17.29 -0.22 26.63
C VAL B 294 -15.79 -0.04 26.41
N LEU B 295 -15.39 1.10 25.84
CA LEU B 295 -13.98 1.36 25.61
C LEU B 295 -13.19 1.39 26.92
N ARG B 296 -13.71 2.11 27.92
CA ARG B 296 -13.00 2.26 29.18
C ARG B 296 -12.93 0.93 29.92
N MET B 297 -14.01 0.16 29.91
CA MET B 297 -13.99 -1.13 30.60
C MET B 297 -13.11 -2.13 29.86
N GLU B 298 -13.03 -2.05 28.53
CA GLU B 298 -12.07 -2.86 27.80
C GLU B 298 -10.65 -2.52 28.20
N HIS B 299 -10.36 -1.22 28.34
CA HIS B 299 -9.04 -0.80 28.80
C HIS B 299 -8.74 -1.34 30.20
N LEU B 300 -9.74 -1.27 31.10
CA LEU B 300 -9.53 -1.76 32.46
C LEU B 300 -9.33 -3.26 32.48
N VAL B 301 -10.08 -4.01 31.67
CA VAL B 301 -9.91 -5.45 31.59
C VAL B 301 -8.52 -5.79 31.07
N LEU B 302 -8.06 -5.06 30.05
CA LEU B 302 -6.70 -5.27 29.54
C LEU B 302 -5.66 -4.98 30.61
N LYS B 303 -5.86 -3.92 31.40
CA LYS B 303 -4.90 -3.59 32.44
C LYS B 303 -4.86 -4.65 33.52
N VAL B 304 -6.02 -5.17 33.92
CA VAL B 304 -6.06 -6.20 34.96
C VAL B 304 -5.45 -7.51 34.45
N LEU B 305 -5.84 -7.92 33.24
CA LEU B 305 -5.30 -9.13 32.64
C LEU B 305 -3.83 -9.00 32.26
N THR B 306 -3.31 -7.77 32.20
CA THR B 306 -1.89 -7.50 31.93
C THR B 306 -1.52 -8.12 30.57
N PHE B 307 -2.40 -7.92 29.58
CA PHE B 307 -2.20 -8.37 28.20
C PHE B 307 -1.96 -9.87 28.09
N ASP B 308 -2.44 -10.65 29.07
CA ASP B 308 -2.38 -12.11 28.99
C ASP B 308 -3.73 -12.60 28.48
N LEU B 309 -3.87 -12.63 27.15
CA LEU B 309 -5.13 -12.97 26.51
C LEU B 309 -5.10 -14.30 25.77
N ALA B 310 -3.92 -14.89 25.56
CA ALA B 310 -3.80 -16.16 24.85
C ALA B 310 -3.94 -17.30 25.87
N ALA B 311 -5.18 -17.51 26.31
CA ALA B 311 -5.35 -18.52 27.34
C ALA B 311 -5.93 -19.81 26.75
N PRO B 312 -5.38 -20.96 27.13
CA PRO B 312 -5.94 -22.23 26.66
C PRO B 312 -7.39 -22.40 27.12
N THR B 313 -8.22 -22.96 26.25
CA THR B 313 -9.63 -23.16 26.52
C THR B 313 -9.98 -24.62 26.31
N VAL B 314 -11.24 -24.96 26.62
CA VAL B 314 -11.73 -26.31 26.38
C VAL B 314 -11.76 -26.61 24.90
N ASN B 315 -12.07 -25.60 24.07
CA ASN B 315 -12.09 -25.78 22.63
C ASN B 315 -10.73 -26.23 22.11
N GLN B 316 -9.65 -25.59 22.58
CA GLN B 316 -8.31 -25.92 22.09
C GLN B 316 -7.91 -27.34 22.48
N PHE B 317 -8.16 -27.72 23.73
CA PHE B 317 -7.81 -29.07 24.17
C PHE B 317 -8.67 -30.11 23.46
N LEU B 318 -9.94 -29.79 23.20
CA LEU B 318 -10.78 -30.71 22.44
C LEU B 318 -10.28 -30.87 21.01
N THR B 319 -9.84 -29.78 20.39
CA THR B 319 -9.23 -29.88 19.06
C THR B 319 -7.98 -30.74 19.10
N GLN B 320 -7.15 -30.57 20.14
CA GLN B 320 -5.97 -31.41 20.30
C GLN B 320 -6.32 -32.88 20.46
N TYR B 321 -7.41 -33.17 21.19
CA TYR B 321 -7.81 -34.55 21.42
C TYR B 321 -8.46 -35.19 20.19
N PHE B 322 -9.12 -34.39 19.36
CA PHE B 322 -9.87 -34.93 18.22
C PHE B 322 -8.98 -35.64 17.20
N LEU B 323 -7.66 -35.40 17.24
CA LEU B 323 -6.77 -36.07 16.31
C LEU B 323 -6.56 -37.55 16.64
N HIS B 324 -7.01 -38.00 17.80
CA HIS B 324 -6.82 -39.39 18.24
C HIS B 324 -8.09 -40.20 18.11
N GLN B 325 -8.92 -39.91 17.10
CA GLN B 325 -10.16 -40.62 16.89
C GLN B 325 -10.01 -41.71 15.83
N ALA B 328 -12.45 -40.73 13.03
CA ALA B 328 -13.06 -39.44 13.35
C ALA B 328 -14.56 -39.47 13.11
N ASN B 329 -15.32 -39.14 14.14
CA ASN B 329 -16.78 -39.12 14.07
C ASN B 329 -17.25 -37.68 14.20
N CYS B 330 -17.98 -37.21 13.19
CA CYS B 330 -18.46 -35.83 13.20
C CYS B 330 -19.44 -35.60 14.33
N LYS B 331 -20.36 -36.55 14.56
CA LYS B 331 -21.33 -36.40 15.64
C LYS B 331 -20.65 -36.39 17.00
N VAL B 332 -19.63 -37.23 17.18
CA VAL B 332 -18.89 -37.25 18.45
C VAL B 332 -18.23 -35.90 18.70
N GLU B 333 -17.60 -35.32 17.67
CA GLU B 333 -16.94 -34.03 17.84
C GLU B 333 -17.96 -32.94 18.13
N SER B 334 -19.10 -32.94 17.43
CA SER B 334 -20.13 -31.94 17.68
C SER B 334 -20.66 -32.04 19.10
N LEU B 335 -20.90 -33.26 19.59
CA LEU B 335 -21.44 -33.40 20.94
C LEU B 335 -20.39 -33.09 22.00
N ALA B 336 -19.11 -33.37 21.71
CA ALA B 336 -18.05 -32.95 22.62
C ALA B 336 -17.98 -31.43 22.72
N MET B 337 -18.12 -30.74 21.58
CA MET B 337 -18.19 -29.28 21.62
C MET B 337 -19.41 -28.81 22.41
N PHE B 338 -20.55 -29.49 22.23
CA PHE B 338 -21.76 -29.12 22.96
C PHE B 338 -21.56 -29.25 24.47
N LEU B 339 -20.95 -30.34 24.91
CA LEU B 339 -20.73 -30.55 26.34
C LEU B 339 -19.68 -29.58 26.89
N GLY B 340 -18.63 -29.32 26.12
CA GLY B 340 -17.63 -28.35 26.53
C GLY B 340 -18.22 -26.96 26.70
N GLU B 341 -19.13 -26.58 25.79
CA GLU B 341 -19.82 -25.30 25.95
C GLU B 341 -20.76 -25.31 27.14
N LEU B 342 -21.42 -26.45 27.41
CA LEU B 342 -22.25 -26.56 28.60
C LEU B 342 -21.42 -26.34 29.87
N SER B 343 -20.16 -26.77 29.86
CA SER B 343 -19.30 -26.58 31.02
C SER B 343 -19.07 -25.10 31.34
N LEU B 344 -19.21 -24.21 30.35
CA LEU B 344 -18.99 -22.78 30.61
C LEU B 344 -20.15 -22.17 31.38
N ILE B 345 -21.36 -22.70 31.20
CA ILE B 345 -22.54 -22.07 31.80
C ILE B 345 -22.48 -22.13 33.32
N ASP B 346 -22.10 -23.28 33.88
CA ASP B 346 -22.06 -23.49 35.32
C ASP B 346 -20.64 -23.28 35.83
N ALA B 347 -20.51 -22.46 36.87
CA ALA B 347 -19.22 -22.20 37.49
C ALA B 347 -19.02 -22.94 38.80
N ASP B 348 -20.10 -23.40 39.44
CA ASP B 348 -19.96 -24.10 40.72
C ASP B 348 -19.16 -25.38 40.61
N PRO B 349 -19.46 -26.33 39.70
CA PRO B 349 -18.67 -27.57 39.67
C PRO B 349 -17.45 -27.50 38.76
N TYR B 350 -17.46 -26.58 37.79
CA TYR B 350 -16.50 -26.66 36.69
C TYR B 350 -15.30 -25.73 36.86
N LEU B 351 -15.38 -24.73 37.71
CA LEU B 351 -14.23 -23.84 37.90
C LEU B 351 -13.06 -24.53 38.58
N LYS B 352 -13.31 -25.61 39.32
CA LYS B 352 -12.21 -26.33 39.96
C LYS B 352 -11.50 -27.29 39.02
N TYR B 353 -11.98 -27.44 37.79
CA TYR B 353 -11.35 -28.30 36.80
C TYR B 353 -10.66 -27.45 35.74
N LEU B 354 -9.45 -27.85 35.37
CA LEU B 354 -8.73 -27.18 34.29
C LEU B 354 -9.39 -27.49 32.95
N PRO B 355 -9.15 -26.65 31.93
CA PRO B 355 -9.74 -26.91 30.61
C PRO B 355 -9.39 -28.27 30.04
N SER B 356 -8.18 -28.78 30.30
CA SER B 356 -7.79 -30.09 29.79
C SER B 356 -8.64 -31.20 30.40
N VAL B 357 -8.89 -31.14 31.72
CA VAL B 357 -9.69 -32.17 32.37
C VAL B 357 -11.13 -32.14 31.84
N ILE B 358 -11.70 -30.94 31.70
CA ILE B 358 -13.06 -30.82 31.19
C ILE B 358 -13.15 -31.31 29.75
N ALA B 359 -12.16 -30.99 28.93
CA ALA B 359 -12.15 -31.47 27.55
C ALA B 359 -12.05 -32.99 27.49
N GLY B 360 -11.21 -33.58 28.34
CA GLY B 360 -11.15 -35.03 28.38
C GLY B 360 -12.46 -35.66 28.80
N ALA B 361 -13.10 -35.11 29.84
CA ALA B 361 -14.38 -35.65 30.29
C ALA B 361 -15.43 -35.54 29.20
N ALA B 362 -15.48 -34.40 28.52
CA ALA B 362 -16.48 -34.21 27.47
C ALA B 362 -16.23 -35.15 26.30
N PHE B 363 -14.96 -35.37 25.95
CA PHE B 363 -14.66 -36.30 24.88
C PHE B 363 -15.07 -37.72 25.21
N HIS B 364 -14.78 -38.18 26.44
CA HIS B 364 -15.27 -39.48 26.88
C HIS B 364 -16.80 -39.54 26.83
N LEU B 365 -17.48 -38.51 27.33
CA LEU B 365 -18.94 -38.56 27.37
C LEU B 365 -19.53 -38.64 25.96
N ALA B 366 -18.97 -37.89 25.02
CA ALA B 366 -19.42 -38.00 23.63
C ALA B 366 -19.12 -39.37 23.05
N LEU B 367 -17.94 -39.93 23.35
CA LEU B 367 -17.60 -41.25 22.83
C LEU B 367 -18.57 -42.32 23.36
N TYR B 368 -18.88 -42.27 24.65
CA TYR B 368 -19.93 -43.13 25.21
C TYR B 368 -21.27 -42.89 24.53
N THR B 369 -21.68 -41.64 24.39
CA THR B 369 -23.04 -41.36 23.95
C THR B 369 -23.28 -41.85 22.53
N VAL B 370 -22.33 -41.61 21.63
CA VAL B 370 -22.58 -41.90 20.22
C VAL B 370 -22.12 -43.30 19.86
N THR B 371 -20.82 -43.57 20.00
CA THR B 371 -20.23 -44.81 19.50
C THR B 371 -20.04 -45.88 20.57
N GLY B 372 -20.17 -45.53 21.85
CA GLY B 372 -20.10 -46.52 22.90
C GLY B 372 -18.72 -46.92 23.33
N GLN B 373 -17.67 -46.31 22.78
CA GLN B 373 -16.32 -46.59 23.23
C GLN B 373 -15.97 -45.73 24.45
N SER B 374 -14.73 -45.79 24.89
CA SER B 374 -14.31 -45.08 26.09
C SER B 374 -13.11 -44.18 25.82
N TRP B 375 -12.58 -43.58 26.88
CA TRP B 375 -11.40 -42.73 26.80
C TRP B 375 -10.25 -43.48 26.14
N PRO B 376 -9.79 -43.07 24.96
CA PRO B 376 -8.80 -43.86 24.23
C PRO B 376 -7.47 -43.94 24.98
N GLU B 377 -6.79 -45.09 24.81
CA GLU B 377 -5.54 -45.33 25.50
C GLU B 377 -4.45 -44.37 25.02
N SER B 378 -4.48 -44.01 23.74
CA SER B 378 -3.54 -43.04 23.21
C SER B 378 -3.65 -41.72 23.95
N LEU B 379 -4.87 -41.30 24.28
CA LEU B 379 -5.05 -40.06 25.03
C LEU B 379 -4.53 -40.19 26.46
N ILE B 380 -4.68 -41.37 27.08
CA ILE B 380 -4.11 -41.58 28.41
C ILE B 380 -2.60 -41.44 28.38
N ARG B 381 -1.94 -42.05 27.40
CA ARG B 381 -0.49 -41.91 27.34
C ARG B 381 -0.06 -40.52 26.90
N LYS B 382 -0.90 -39.79 26.18
CA LYS B 382 -0.54 -38.44 25.76
C LYS B 382 -0.67 -37.44 26.90
N THR B 383 -1.80 -37.45 27.60
CA THR B 383 -2.09 -36.42 28.59
C THR B 383 -1.88 -36.87 30.02
N GLY B 384 -1.75 -38.16 30.27
CA GLY B 384 -1.57 -38.66 31.63
C GLY B 384 -2.84 -38.74 32.45
N TYR B 385 -3.98 -38.40 31.88
CA TYR B 385 -5.25 -38.46 32.60
C TYR B 385 -5.86 -39.84 32.41
N THR B 386 -5.97 -40.60 33.50
CA THR B 386 -6.62 -41.89 33.46
C THR B 386 -8.12 -41.71 33.67
N LEU B 387 -8.83 -42.83 33.80
CA LEU B 387 -10.28 -42.76 33.95
C LEU B 387 -10.69 -42.30 35.34
N GLU B 388 -9.99 -42.79 36.38
CA GLU B 388 -10.32 -42.40 37.75
C GLU B 388 -10.09 -40.91 37.96
N SER B 389 -9.03 -40.35 37.38
CA SER B 389 -8.76 -38.92 37.52
C SER B 389 -9.86 -38.09 36.90
N LEU B 390 -10.35 -38.49 35.72
CA LEU B 390 -11.44 -37.78 35.07
C LEU B 390 -12.79 -38.03 35.72
N LYS B 391 -12.91 -39.07 36.56
CA LYS B 391 -14.20 -39.47 37.11
C LYS B 391 -15.02 -38.35 37.75
N PRO B 392 -14.46 -37.47 38.60
CA PRO B 392 -15.31 -36.44 39.22
C PRO B 392 -15.93 -35.48 38.21
N CYS B 393 -15.08 -34.86 37.39
CA CYS B 393 -15.58 -33.99 36.33
C CYS B 393 -16.45 -34.75 35.35
N LEU B 394 -16.14 -36.03 35.12
CA LEU B 394 -16.96 -36.84 34.23
C LEU B 394 -18.37 -37.01 34.76
N MET B 395 -18.51 -37.27 36.07
CA MET B 395 -19.84 -37.43 36.65
C MET B 395 -20.58 -36.11 36.69
N ASP B 396 -19.87 -35.01 36.97
CA ASP B 396 -20.51 -33.70 36.92
C ASP B 396 -21.03 -33.39 35.53
N LEU B 397 -20.23 -33.70 34.51
CA LEU B 397 -20.63 -33.45 33.12
C LEU B 397 -21.78 -34.36 32.72
N HIS B 398 -21.79 -35.60 33.22
CA HIS B 398 -22.92 -36.49 32.97
C HIS B 398 -24.21 -35.94 33.55
N GLN B 399 -24.15 -35.43 34.78
CA GLN B 399 -25.35 -34.83 35.38
C GLN B 399 -25.79 -33.60 34.60
N THR B 400 -24.83 -32.78 34.15
CA THR B 400 -25.18 -31.60 33.36
C THR B 400 -25.86 -32.00 32.05
N TYR B 401 -25.33 -33.02 31.37
CA TYR B 401 -25.95 -33.50 30.14
C TYR B 401 -27.35 -34.02 30.40
N LEU B 402 -27.54 -34.74 31.52
CA LEU B 402 -28.85 -35.28 31.84
C LEU B 402 -29.86 -34.16 32.11
N LYS B 403 -29.44 -33.11 32.83
CA LYS B 403 -30.33 -32.03 33.20
C LYS B 403 -30.33 -30.87 32.21
N ALA B 404 -29.68 -31.02 31.06
CA ALA B 404 -29.66 -29.95 30.05
C ALA B 404 -31.06 -29.48 29.64
N PRO B 405 -32.02 -30.36 29.34
CA PRO B 405 -33.36 -29.86 29.00
C PRO B 405 -34.03 -29.05 30.10
N GLN B 406 -33.81 -29.41 31.37
CA GLN B 406 -34.41 -28.70 32.47
C GLN B 406 -33.64 -27.45 32.88
N HIS B 407 -32.44 -27.25 32.33
CA HIS B 407 -31.62 -26.11 32.73
C HIS B 407 -32.25 -24.82 32.22
N ALA B 408 -32.19 -23.78 33.07
CA ALA B 408 -32.84 -22.52 32.74
C ALA B 408 -32.26 -21.88 31.48
N GLN B 409 -30.99 -22.12 31.20
CA GLN B 409 -30.31 -21.56 30.04
C GLN B 409 -30.28 -22.61 28.93
N GLN B 410 -30.90 -22.30 27.80
CA GLN B 410 -31.10 -23.26 26.73
C GLN B 410 -30.51 -22.84 25.39
N SER B 411 -29.76 -21.74 25.35
CA SER B 411 -29.27 -21.23 24.07
C SER B 411 -28.26 -22.18 23.42
N ILE B 412 -27.48 -22.91 24.22
CA ILE B 412 -26.53 -23.85 23.64
C ILE B 412 -27.27 -25.00 22.94
N ARG B 413 -28.33 -25.50 23.57
CA ARG B 413 -29.11 -26.58 22.97
C ARG B 413 -29.74 -26.12 21.65
N GLU B 414 -30.30 -24.91 21.63
CA GLU B 414 -30.84 -24.38 20.38
C GLU B 414 -29.74 -24.18 19.34
N LYS B 415 -28.54 -23.78 19.79
CA LYS B 415 -27.44 -23.63 18.86
C LYS B 415 -27.08 -24.94 18.19
N TYR B 416 -27.02 -26.02 18.96
CA TYR B 416 -26.56 -27.29 18.42
C TYR B 416 -27.67 -28.12 17.77
N LYS B 417 -28.92 -27.65 17.78
CA LYS B 417 -29.99 -28.36 17.10
C LYS B 417 -29.93 -28.20 15.59
N ASN B 418 -29.19 -27.20 15.09
CA ASN B 418 -29.11 -26.97 13.66
C ASN B 418 -28.35 -28.09 12.98
N SER B 419 -28.61 -28.25 11.68
CA SER B 419 -27.93 -29.27 10.89
C SER B 419 -26.44 -28.99 10.74
N LYS B 420 -26.01 -27.75 11.01
CA LYS B 420 -24.58 -27.44 10.96
C LYS B 420 -23.82 -28.25 12.00
N TYR B 421 -24.37 -28.37 13.21
CA TYR B 421 -23.77 -29.15 14.27
C TYR B 421 -24.33 -30.56 14.34
N HIS B 422 -25.08 -30.99 13.31
CA HIS B 422 -25.57 -32.35 13.14
C HIS B 422 -26.61 -32.74 14.19
N GLY B 423 -27.27 -31.76 14.80
CA GLY B 423 -28.42 -32.02 15.66
C GLY B 423 -28.17 -32.96 16.82
N VAL B 424 -27.09 -32.74 17.56
CA VAL B 424 -26.74 -33.62 18.68
C VAL B 424 -27.20 -33.08 20.03
N SER B 425 -27.75 -31.86 20.08
CA SER B 425 -28.29 -31.36 21.35
C SER B 425 -29.63 -32.01 21.68
N LEU B 426 -30.37 -32.45 20.67
CA LEU B 426 -31.65 -33.12 20.88
C LEU B 426 -31.49 -34.63 21.01
N LEU B 427 -30.26 -35.13 21.03
CA LEU B 427 -30.02 -36.55 21.21
C LEU B 427 -30.48 -37.02 22.58
N ASN B 428 -30.48 -38.34 22.77
CA ASN B 428 -30.88 -38.94 24.03
C ASN B 428 -29.64 -39.20 24.86
N PRO B 429 -29.45 -38.52 26.00
CA PRO B 429 -28.27 -38.78 26.80
C PRO B 429 -28.35 -40.14 27.46
N PRO B 430 -27.21 -40.79 27.71
CA PRO B 430 -27.23 -42.08 28.41
C PRO B 430 -27.79 -41.93 29.81
N GLU B 431 -28.59 -42.92 30.23
CA GLU B 431 -29.11 -42.92 31.59
C GLU B 431 -28.10 -43.46 32.58
N THR B 432 -27.20 -44.33 32.13
CA THR B 432 -26.16 -44.91 32.96
C THR B 432 -24.82 -44.76 32.28
N LEU B 433 -23.76 -44.67 33.09
CA LEU B 433 -22.42 -44.39 32.56
C LEU B 433 -21.37 -45.34 33.13
N ASN B 434 -21.79 -46.41 33.79
CA ASN B 434 -20.88 -47.40 34.35
C ASN B 434 -19.87 -46.77 35.31
N ALA C 263 -33.44 20.19 -15.33
CA ALA C 263 -32.54 20.79 -16.30
C ALA C 263 -31.72 19.72 -17.02
N LEU C 264 -31.99 19.53 -18.31
CA LEU C 264 -31.31 18.51 -19.09
C LEU C 264 -29.85 18.90 -19.33
N TYR C 265 -29.04 17.88 -19.60
CA TYR C 265 -27.62 18.07 -19.85
C TYR C 265 -27.35 18.07 -21.35
N GLU C 266 -26.55 19.04 -21.81
CA GLU C 266 -26.10 19.10 -23.19
C GLU C 266 -24.58 19.21 -23.18
N TYR C 267 -23.92 18.32 -23.91
CA TYR C 267 -22.47 18.24 -23.84
C TYR C 267 -21.83 19.46 -24.49
N GLN C 268 -20.78 19.99 -23.84
CA GLN C 268 -19.99 21.08 -24.38
C GLN C 268 -18.51 20.69 -24.25
N PRO C 269 -17.75 20.75 -25.35
CA PRO C 269 -16.33 20.36 -25.28
C PRO C 269 -15.51 21.35 -24.46
N LEU C 270 -14.42 20.84 -23.90
CA LEU C 270 -13.50 21.68 -23.15
C LEU C 270 -12.76 22.64 -24.07
N GLN C 271 -12.66 23.89 -23.66
CA GLN C 271 -12.01 24.94 -24.45
C GLN C 271 -10.80 25.45 -23.67
N ILE C 272 -9.66 24.81 -23.87
CA ILE C 272 -8.41 25.20 -23.25
C ILE C 272 -7.48 25.71 -24.34
N GLU C 273 -7.02 26.96 -24.20
CA GLU C 273 -6.18 27.56 -25.21
C GLU C 273 -4.77 26.97 -25.16
N THR C 274 -4.23 26.61 -26.33
CA THR C 274 -2.91 26.02 -26.41
C THR C 274 -1.84 26.98 -26.92
N TYR C 275 -2.22 28.18 -27.37
CA TYR C 275 -1.28 29.19 -27.83
C TYR C 275 -0.39 28.67 -28.95
N GLY C 276 -0.96 27.87 -29.85
CA GLY C 276 -0.20 27.29 -30.93
C GLY C 276 -1.08 26.78 -32.06
N PRO C 277 -0.45 26.12 -33.03
CA PRO C 277 -1.20 25.60 -34.18
C PRO C 277 -2.22 24.55 -33.75
N HIS C 278 -3.33 24.50 -34.50
CA HIS C 278 -4.36 23.51 -34.24
C HIS C 278 -3.81 22.11 -34.47
N VAL C 279 -4.10 21.21 -33.54
CA VAL C 279 -3.63 19.82 -33.59
C VAL C 279 -4.75 18.96 -34.14
N PRO C 280 -4.48 18.10 -35.14
CA PRO C 280 -5.55 17.28 -35.71
C PRO C 280 -6.13 16.30 -34.70
N GLU C 281 -7.37 15.90 -34.96
CA GLU C 281 -8.08 15.00 -34.07
C GLU C 281 -7.41 13.63 -34.03
N LEU C 282 -7.58 12.94 -32.90
CA LEU C 282 -6.92 11.67 -32.67
C LEU C 282 -7.33 10.61 -33.69
N GLU C 283 -8.63 10.52 -33.98
CA GLU C 283 -9.11 9.49 -34.88
C GLU C 283 -8.72 9.73 -36.33
N MET C 284 -8.38 10.97 -36.69
CA MET C 284 -8.01 11.32 -38.05
C MET C 284 -6.50 11.22 -38.30
N LEU C 285 -5.72 10.83 -37.30
CA LEU C 285 -4.27 10.82 -37.48
C LEU C 285 -3.83 9.81 -38.53
N GLY C 286 -4.49 8.65 -38.57
CA GLY C 286 -4.15 7.66 -39.59
C GLY C 286 -4.54 8.12 -40.98
N ARG C 287 -5.70 8.75 -41.11
CA ARG C 287 -6.17 9.23 -42.41
C ARG C 287 -5.30 10.35 -42.97
N LEU C 288 -4.60 11.10 -42.11
CA LEU C 288 -3.75 12.19 -42.54
C LEU C 288 -2.30 11.76 -42.75
N GLY C 289 -1.96 10.50 -42.50
CA GLY C 289 -0.63 10.01 -42.72
C GLY C 289 0.37 10.27 -41.62
N TYR C 290 -0.08 10.67 -40.43
CA TYR C 290 0.85 10.90 -39.34
C TYR C 290 1.43 9.60 -38.80
N LEU C 291 0.62 8.54 -38.76
CA LEU C 291 1.03 7.28 -38.14
C LEU C 291 2.13 6.56 -38.92
N ASN C 292 2.41 6.96 -40.15
CA ASN C 292 3.47 6.33 -40.92
C ASN C 292 4.86 6.70 -40.43
N HIS C 293 4.98 7.69 -39.54
CA HIS C 293 6.26 8.16 -39.06
C HIS C 293 6.41 7.95 -37.55
N VAL C 294 5.58 7.12 -36.95
CA VAL C 294 5.69 6.77 -35.54
C VAL C 294 5.80 5.26 -35.43
N ARG C 295 6.41 4.80 -34.33
CA ARG C 295 6.58 3.38 -34.11
C ARG C 295 5.23 2.70 -33.92
N ALA C 296 5.05 1.56 -34.58
CA ALA C 296 3.79 0.84 -34.52
C ALA C 296 3.63 0.17 -33.15
N ALA C 297 2.39 0.15 -32.67
CA ALA C 297 2.11 -0.47 -31.38
C ALA C 297 2.19 -2.00 -31.50
N SER C 298 2.84 -2.61 -30.51
CA SER C 298 2.94 -4.06 -30.48
C SER C 298 1.59 -4.68 -30.16
N PRO C 299 1.40 -5.97 -30.49
CA PRO C 299 0.17 -6.65 -30.07
C PRO C 299 0.00 -6.65 -28.56
N GLN C 300 1.10 -6.77 -27.80
CA GLN C 300 1.01 -6.64 -26.35
C GLN C 300 0.53 -5.25 -25.95
N ASP C 301 1.06 -4.21 -26.59
CA ASP C 301 0.60 -2.86 -26.33
C ASP C 301 -0.86 -2.68 -26.73
N LEU C 302 -1.25 -3.24 -27.88
CA LEU C 302 -2.63 -3.09 -28.34
C LEU C 302 -3.61 -3.82 -27.43
N ALA C 303 -3.16 -4.89 -26.77
CA ALA C 303 -4.04 -5.65 -25.88
C ALA C 303 -4.47 -4.80 -24.68
N GLY C 304 -3.58 -3.96 -24.18
CA GLY C 304 -3.90 -3.08 -23.07
C GLY C 304 -4.59 -1.80 -23.44
N GLY C 305 -4.76 -1.54 -24.73
CA GLY C 305 -5.38 -0.32 -25.19
C GLY C 305 -4.43 0.78 -25.60
N TYR C 306 -3.15 0.49 -25.75
CA TYR C 306 -2.15 1.48 -26.14
C TYR C 306 -1.93 1.41 -27.64
N THR C 307 -2.22 2.51 -28.34
CA THR C 307 -2.03 2.62 -29.77
C THR C 307 -0.99 3.69 -30.07
N SER C 308 -0.34 3.57 -31.24
CA SER C 308 0.61 4.58 -31.67
C SER C 308 -0.05 5.94 -31.87
N SER C 309 -1.37 5.95 -32.09
CA SER C 309 -2.09 7.21 -32.26
C SER C 309 -1.98 8.08 -31.01
N LEU C 310 -2.04 7.47 -29.83
CA LEU C 310 -1.91 8.23 -28.59
C LEU C 310 -0.55 8.92 -28.50
N ALA C 311 0.52 8.18 -28.79
CA ALA C 311 1.86 8.76 -28.73
C ALA C 311 2.02 9.87 -29.76
N CYS C 312 1.53 9.65 -30.99
CA CYS C 312 1.63 10.69 -32.01
C CYS C 312 0.86 11.94 -31.61
N HIS C 313 -0.34 11.77 -31.07
CA HIS C 313 -1.14 12.91 -30.65
C HIS C 313 -0.46 13.68 -29.52
N ARG C 314 0.09 12.97 -28.55
CA ARG C 314 0.80 13.64 -27.45
C ARG C 314 2.01 14.40 -27.98
N ALA C 315 2.78 13.79 -28.89
CA ALA C 315 3.94 14.48 -29.45
C ALA C 315 3.54 15.73 -30.19
N LEU C 316 2.47 15.65 -31.00
CA LEU C 316 2.02 16.83 -31.75
C LEU C 316 1.54 17.93 -30.81
N GLN C 317 0.77 17.55 -29.78
CA GLN C 317 0.28 18.55 -28.83
C GLN C 317 1.43 19.22 -28.09
N ASP C 318 2.45 18.45 -27.72
CA ASP C 318 3.62 19.04 -27.07
C ASP C 318 4.38 19.96 -28.03
N ALA C 319 4.49 19.57 -29.30
CA ALA C 319 5.18 20.40 -30.28
C ALA C 319 4.47 21.73 -30.51
N PHE C 320 3.13 21.74 -30.49
CA PHE C 320 2.38 22.95 -30.79
C PHE C 320 1.96 23.74 -29.56
N SER C 321 2.32 23.29 -28.35
CA SER C 321 1.87 23.95 -27.14
C SER C 321 2.74 25.17 -26.84
N GLY C 322 2.11 26.33 -26.72
CA GLY C 322 2.82 27.54 -26.34
C GLY C 322 3.71 28.14 -27.40
N LEU C 323 3.61 27.69 -28.65
CA LEU C 323 4.51 28.17 -29.68
C LEU C 323 4.32 29.65 -29.98
N PHE C 324 3.10 30.16 -29.86
CA PHE C 324 2.80 31.56 -30.13
C PHE C 324 2.79 32.42 -28.88
N TRP C 325 3.16 31.85 -27.73
CA TRP C 325 3.06 32.57 -26.47
C TRP C 325 4.33 33.36 -26.18
N GLN C 326 4.14 34.55 -25.61
CA GLN C 326 5.24 35.39 -25.16
C GLN C 326 5.00 35.77 -23.70
N PRO C 327 6.00 35.62 -22.82
CA PRO C 327 5.86 36.00 -21.42
C PRO C 327 5.63 37.50 -21.23
C ACE D 1 0.86 18.56 -18.96
O ACE D 1 1.76 18.04 -19.63
CH3 ACE D 1 0.40 18.00 -17.66
N MET D 2 0.23 19.66 -19.37
CA MET D 2 0.56 20.32 -20.62
C MET D 2 1.12 21.71 -20.33
N TYR D 3 1.99 22.20 -21.23
CA TYR D 3 2.72 23.43 -20.95
C TYR D 3 1.78 24.64 -20.90
N HIS D 4 0.78 24.70 -21.77
CA HIS D 4 0.02 25.94 -21.93
C HIS D 4 -0.69 26.36 -20.65
N ASN D 5 -0.93 25.43 -19.71
CA ASN D 5 -1.47 25.77 -18.40
C ASN D 5 -0.61 25.16 -17.30
N SER D 6 0.71 25.32 -17.43
CA SER D 6 1.66 24.76 -16.49
C SER D 6 2.12 25.81 -15.49
N SER D 7 2.70 25.34 -14.39
CA SER D 7 3.33 26.23 -13.43
C SER D 7 4.63 26.81 -13.99
N GLN D 8 5.30 26.07 -14.86
CA GLN D 8 6.50 26.59 -15.52
C GLN D 8 6.19 27.82 -16.35
N LYS D 9 5.07 27.81 -17.08
CA LYS D 9 4.70 28.96 -17.88
C LYS D 9 4.21 30.11 -17.01
N ARG D 10 3.44 29.81 -15.97
CA ARG D 10 2.83 30.85 -15.16
C ARG D 10 3.81 31.53 -14.21
N HIS D 11 4.88 30.84 -13.82
CA HIS D 11 5.79 31.37 -12.80
C HIS D 11 7.26 31.33 -13.16
N TRP D 12 7.67 30.56 -14.16
CA TRP D 12 9.10 30.35 -14.38
C TRP D 12 9.51 30.60 -15.82
N THR D 13 8.81 31.50 -16.50
CA THR D 13 9.27 32.08 -17.76
C THR D 13 9.19 33.60 -17.64
N PHE D 14 10.32 34.26 -17.86
CA PHE D 14 10.48 35.67 -17.56
C PHE D 14 10.63 36.47 -18.85
N SER D 15 10.25 37.74 -18.78
CA SER D 15 10.14 38.55 -19.99
C SER D 15 11.50 38.91 -20.58
N SER D 16 12.53 39.04 -19.76
CA SER D 16 13.83 39.47 -20.26
C SER D 16 14.92 39.00 -19.31
N GLU D 17 16.17 39.04 -19.81
CA GLU D 17 17.32 38.74 -18.98
C GLU D 17 17.56 39.80 -17.92
N GLU D 18 16.98 40.99 -18.08
CA GLU D 18 17.09 42.02 -17.05
C GLU D 18 16.42 41.59 -15.76
N GLN D 19 15.26 40.93 -15.86
CA GLN D 19 14.61 40.40 -14.67
C GLN D 19 15.47 39.34 -13.99
N LEU D 20 16.10 38.46 -14.77
CA LEU D 20 16.97 37.45 -14.20
C LEU D 20 18.15 38.07 -13.47
N ALA D 21 18.78 39.06 -14.09
CA ALA D 21 19.90 39.75 -13.45
C ALA D 21 19.44 40.48 -12.19
N ARG D 22 18.26 41.09 -12.24
CA ARG D 22 17.71 41.75 -11.07
C ARG D 22 17.51 40.77 -9.93
N LEU D 23 16.95 39.59 -10.23
CA LEU D 23 16.70 38.60 -9.18
C LEU D 23 18.01 38.08 -8.59
N ARG D 24 19.00 37.81 -9.43
CA ARG D 24 20.26 37.29 -8.91
C ARG D 24 21.01 38.34 -8.10
N ALA D 25 21.01 39.60 -8.55
CA ALA D 25 21.60 40.67 -7.76
C ALA D 25 20.84 40.90 -6.46
N ASP D 26 19.51 40.73 -6.49
CA ASP D 26 18.71 40.85 -5.28
C ASP D 26 19.08 39.77 -4.28
N ALA D 27 19.27 38.54 -4.75
CA ALA D 27 19.69 37.47 -3.85
C ALA D 27 21.07 37.75 -3.26
N ASN D 28 21.99 38.22 -4.09
CA ASN D 28 23.33 38.57 -3.58
C ASN D 28 23.25 39.67 -2.53
N ARG D 29 22.45 40.70 -2.79
CA ARG D 29 22.28 41.79 -1.83
C ARG D 29 21.66 41.31 -0.54
N LYS D 30 20.66 40.43 -0.63
CA LYS D 30 20.03 39.89 0.59
C LYS D 30 21.03 39.10 1.41
N PHE D 31 21.85 38.27 0.76
CA PHE D 31 22.84 37.51 1.51
C PHE D 31 23.88 38.43 2.13
N ARG D 32 24.32 39.46 1.41
CA ARG D 32 25.28 40.39 1.97
C ARG D 32 24.71 41.10 3.19
N CYS D 33 23.44 41.52 3.10
CA CYS D 33 22.80 42.18 4.24
C CYS D 33 22.70 41.23 5.44
N LYS D 34 22.30 39.98 5.20
CA LYS D 34 22.24 39.01 6.29
C LYS D 34 23.61 38.81 6.93
N ALA D 35 24.64 38.63 6.11
CA ALA D 35 25.97 38.36 6.64
C ALA D 35 26.51 39.55 7.41
N VAL D 36 26.30 40.77 6.92
CA VAL D 36 26.79 41.94 7.64
C VAL D 36 25.98 42.17 8.90
N ALA D 37 24.70 41.77 8.92
CA ALA D 37 23.92 41.84 10.15
C ALA D 37 24.29 40.75 11.14
N ASN D 38 24.90 39.67 10.67
CA ASN D 38 25.40 38.63 11.59
C ASN D 38 26.50 39.19 12.48
N GLY D 39 27.58 39.67 11.87
CA GLY D 39 28.71 40.20 12.62
C GLY D 39 30.02 40.03 11.88
N ASP D 45 34.80 41.90 3.81
CA ASP D 45 34.24 42.60 2.65
C ASP D 45 34.75 42.04 1.31
N PRO D 46 36.07 41.85 1.14
CA PRO D 46 36.54 41.23 -0.11
C PRO D 46 36.21 39.75 -0.23
N VAL D 47 35.59 39.16 0.80
CA VAL D 47 35.24 37.75 0.73
C VAL D 47 33.93 37.54 -0.02
N PHE D 48 33.08 38.56 -0.10
CA PHE D 48 31.81 38.44 -0.77
C PHE D 48 31.99 38.55 -2.29
N LEU D 49 31.24 37.74 -3.02
CA LEU D 49 31.38 37.64 -4.47
C LEU D 49 30.31 38.47 -5.16
N GLU D 50 30.71 39.17 -6.23
CA GLU D 50 29.79 39.97 -7.01
C GLU D 50 28.87 39.07 -7.82
N PRO D 51 27.74 39.60 -8.28
CA PRO D 51 26.78 38.77 -9.03
C PRO D 51 27.38 38.11 -10.28
N HIS D 52 28.28 38.79 -10.98
CA HIS D 52 28.86 38.18 -12.18
C HIS D 52 29.76 37.01 -11.82
N GLU D 53 30.50 37.11 -10.72
CA GLU D 53 31.30 35.98 -10.26
C GLU D 53 30.41 34.82 -9.84
N GLU D 54 29.28 35.12 -9.20
CA GLU D 54 28.31 34.09 -8.87
C GLU D 54 27.77 33.42 -10.12
N MET D 55 27.51 34.21 -11.17
CA MET D 55 27.04 33.63 -12.43
C MET D 55 28.09 32.73 -13.06
N THR D 56 29.35 33.13 -13.03
CA THR D 56 30.42 32.29 -13.55
C THR D 56 30.50 30.97 -12.79
N LEU D 57 30.44 31.03 -11.47
CA LEU D 57 30.47 29.81 -10.68
C LEU D 57 29.25 28.94 -10.95
N CYS D 58 28.09 29.55 -11.13
CA CYS D 58 26.87 28.80 -11.45
C CYS D 58 27.02 28.09 -12.79
N LYS D 59 27.58 28.76 -13.79
CA LYS D 59 27.80 28.12 -15.08
C LYS D 59 28.76 26.94 -14.95
N TYR D 60 29.84 27.12 -14.19
CA TYR D 60 30.80 26.02 -14.02
C TYR D 60 30.15 24.83 -13.32
N TYR D 61 29.34 25.09 -12.29
CA TYR D 61 28.72 23.99 -11.57
C TYR D 61 27.58 23.35 -12.36
N GLU D 62 26.92 24.11 -13.23
CA GLU D 62 25.96 23.48 -14.14
C GLU D 62 26.66 22.57 -15.13
N LYS D 63 27.82 22.98 -15.64
CA LYS D 63 28.60 22.07 -16.48
C LYS D 63 29.01 20.83 -15.71
N ARG D 64 29.41 21.00 -14.45
CA ARG D 64 29.75 19.85 -13.61
C ARG D 64 28.56 18.93 -13.42
N LEU D 65 27.36 19.49 -13.22
CA LEU D 65 26.16 18.69 -13.09
C LEU D 65 25.87 17.91 -14.37
N LEU D 66 26.06 18.56 -15.53
CA LEU D 66 25.87 17.86 -16.80
C LEU D 66 26.84 16.70 -16.94
N GLU D 67 28.11 16.91 -16.57
CA GLU D 67 29.07 15.82 -16.63
C GLU D 67 28.71 14.69 -15.66
N PHE D 68 28.23 15.05 -14.46
CA PHE D 68 27.82 14.03 -13.49
C PHE D 68 26.66 13.20 -14.03
N CYS D 69 25.68 13.86 -14.65
CA CYS D 69 24.53 13.13 -15.19
C CYS D 69 24.88 12.36 -16.46
N SER D 70 25.95 12.74 -17.17
CA SER D 70 26.27 12.08 -18.42
C SER D 70 26.74 10.64 -18.21
N VAL D 71 27.50 10.40 -17.14
CA VAL D 71 28.09 9.08 -16.91
C VAL D 71 27.43 8.41 -15.71
N PHE D 72 26.17 8.74 -15.47
CA PHE D 72 25.43 8.14 -14.38
C PHE D 72 25.02 6.70 -14.73
N LYS D 73 25.16 5.81 -13.76
CA LYS D 73 24.74 4.41 -13.91
C LYS D 73 23.61 4.13 -12.93
N PRO D 74 22.40 3.77 -13.41
CA PRO D 74 22.00 3.49 -14.79
C PRO D 74 21.89 4.76 -15.63
N ALA D 75 21.73 4.63 -16.94
CA ALA D 75 21.70 5.78 -17.83
C ALA D 75 20.47 6.63 -17.55
N MET D 76 20.68 7.89 -17.23
CA MET D 76 19.57 8.80 -17.00
C MET D 76 18.86 9.12 -18.31
N PRO D 77 17.53 9.13 -18.32
CA PRO D 77 16.82 9.72 -19.46
C PRO D 77 17.13 11.20 -19.56
N ARG D 78 17.08 11.70 -20.80
CA ARG D 78 17.43 13.11 -21.03
C ARG D 78 16.48 14.05 -20.30
N SER D 79 15.24 13.62 -20.08
CA SER D 79 14.28 14.46 -19.35
C SER D 79 14.76 14.69 -17.92
N VAL D 80 15.35 13.68 -17.28
CA VAL D 80 15.85 13.84 -15.93
C VAL D 80 16.99 14.84 -15.87
N VAL D 81 17.91 14.76 -16.83
CA VAL D 81 19.03 15.71 -16.87
C VAL D 81 18.51 17.13 -17.08
N GLY D 82 17.56 17.30 -18.02
CA GLY D 82 16.99 18.61 -18.23
C GLY D 82 16.29 19.14 -16.99
N THR D 83 15.57 18.27 -16.28
CA THR D 83 14.90 18.68 -15.05
C THR D 83 15.90 19.10 -13.98
N ALA D 84 17.01 18.37 -13.84
CA ALA D 84 18.03 18.74 -12.87
C ALA D 84 18.64 20.09 -13.21
N CYS D 85 18.97 20.31 -14.49
CA CYS D 85 19.54 21.60 -14.89
C CYS D 85 18.56 22.74 -14.66
N MET D 86 17.28 22.51 -14.96
CA MET D 86 16.28 23.54 -14.73
C MET D 86 16.12 23.83 -13.24
N TYR D 87 16.18 22.79 -12.41
CA TYR D 87 16.14 23.00 -10.96
C TYR D 87 17.32 23.84 -10.49
N PHE D 88 18.52 23.56 -11.01
CA PHE D 88 19.69 24.33 -10.63
C PHE D 88 19.52 25.81 -11.00
N LYS D 89 19.08 26.06 -12.23
CA LYS D 89 18.86 27.44 -12.67
C LYS D 89 17.82 28.14 -11.81
N ARG D 90 16.69 27.48 -11.56
CA ARG D 90 15.61 28.09 -10.79
C ARG D 90 16.05 28.37 -9.36
N PHE D 91 16.77 27.44 -8.75
CA PHE D 91 17.24 27.62 -7.37
C PHE D 91 18.19 28.81 -7.29
N TYR D 92 19.21 28.84 -8.15
CA TYR D 92 20.18 29.92 -8.01
C TYR D 92 19.73 31.21 -8.66
N LEU D 93 18.53 31.24 -9.23
CA LEU D 93 17.92 32.52 -9.58
C LEU D 93 17.63 33.35 -8.34
N ASN D 94 17.04 32.74 -7.31
CA ASN D 94 16.58 33.45 -6.13
C ASN D 94 17.46 33.23 -4.91
N ASN D 95 18.59 32.55 -5.06
CA ASN D 95 19.48 32.27 -3.94
C ASN D 95 20.91 32.60 -4.33
N SER D 96 21.79 32.60 -3.33
CA SER D 96 23.19 32.91 -3.52
C SER D 96 24.04 31.66 -3.30
N VAL D 97 25.08 31.51 -4.12
CA VAL D 97 25.98 30.37 -3.97
C VAL D 97 26.82 30.49 -2.70
N MET D 98 26.89 31.68 -2.10
CA MET D 98 27.63 31.87 -0.87
C MET D 98 26.88 31.36 0.36
N GLU D 99 25.60 31.04 0.22
CA GLU D 99 24.80 30.48 1.31
C GLU D 99 24.72 28.96 1.22
N TYR D 100 24.44 28.43 0.04
CA TYR D 100 24.39 26.99 -0.19
C TYR D 100 25.43 26.64 -1.26
N HIS D 101 26.27 25.66 -0.95
CA HIS D 101 27.36 25.33 -1.87
C HIS D 101 26.79 24.77 -3.17
N PRO D 102 27.25 25.23 -4.32
CA PRO D 102 26.69 24.76 -5.60
C PRO D 102 26.86 23.27 -5.84
N ARG D 103 27.92 22.64 -5.31
CA ARG D 103 28.12 21.21 -5.52
C ARG D 103 26.98 20.41 -4.90
N ILE D 104 26.70 20.65 -3.62
CA ILE D 104 25.65 19.89 -2.95
C ILE D 104 24.29 20.24 -3.52
N ILE D 105 24.10 21.50 -3.96
CA ILE D 105 22.83 21.88 -4.55
C ILE D 105 22.62 21.17 -5.88
N MET D 106 23.68 21.01 -6.67
CA MET D 106 23.54 20.29 -7.94
C MET D 106 23.28 18.81 -7.69
N LEU D 107 23.91 18.24 -6.66
CA LEU D 107 23.61 16.84 -6.31
C LEU D 107 22.15 16.69 -5.87
N THR D 108 21.66 17.65 -5.08
CA THR D 108 20.26 17.62 -4.65
C THR D 108 19.31 17.79 -5.84
N CYS D 109 19.69 18.64 -6.80
CA CYS D 109 18.87 18.81 -7.99
C CYS D 109 18.79 17.52 -8.79
N ALA D 110 19.92 16.82 -8.94
CA ALA D 110 19.89 15.53 -9.63
C ALA D 110 19.03 14.53 -8.89
N PHE D 111 19.14 14.48 -7.56
CA PHE D 111 18.33 13.56 -6.76
C PHE D 111 16.85 13.85 -6.93
N LEU D 112 16.45 15.12 -6.84
CA LEU D 112 15.05 15.49 -6.97
C LEU D 112 14.54 15.22 -8.38
N ALA D 113 15.36 15.47 -9.40
CA ALA D 113 14.95 15.20 -10.77
C ALA D 113 14.74 13.71 -10.98
N CYS D 114 15.60 12.87 -10.39
CA CYS D 114 15.40 11.44 -10.47
C CYS D 114 14.08 11.03 -9.80
N LYS D 115 13.79 11.60 -8.63
CA LYS D 115 12.56 11.22 -7.94
C LYS D 115 11.32 11.68 -8.70
N VAL D 116 11.35 12.91 -9.24
CA VAL D 116 10.17 13.49 -9.87
C VAL D 116 9.84 12.78 -11.18
N ASP D 117 10.87 12.47 -11.97
CA ASP D 117 10.66 11.91 -13.30
C ASP D 117 10.45 10.41 -13.30
N GLU D 118 10.19 9.81 -12.13
CA GLU D 118 9.90 8.38 -12.02
C GLU D 118 11.05 7.52 -12.54
N PHE D 119 12.28 8.03 -12.44
CA PHE D 119 13.47 7.24 -12.75
C PHE D 119 13.89 6.56 -11.44
N ASN D 120 13.34 5.37 -11.21
CA ASN D 120 13.45 4.70 -9.92
C ASN D 120 14.87 4.23 -9.69
N VAL D 121 15.61 4.97 -8.88
CA VAL D 121 16.94 4.57 -8.42
C VAL D 121 17.00 4.75 -6.91
N SER D 122 17.66 3.83 -6.23
CA SER D 122 17.79 3.92 -4.78
C SER D 122 18.90 4.89 -4.40
N SER D 123 18.88 5.31 -3.13
CA SER D 123 19.90 6.23 -2.63
C SER D 123 21.31 5.65 -2.69
N PRO D 124 21.57 4.40 -2.29
CA PRO D 124 22.94 3.88 -2.44
C PRO D 124 23.43 3.91 -3.87
N GLN D 125 22.54 3.68 -4.82
CA GLN D 125 22.91 3.74 -6.23
C GLN D 125 23.38 5.14 -6.61
N PHE D 126 22.57 6.14 -6.27
CA PHE D 126 22.88 7.54 -6.61
C PHE D 126 24.18 7.97 -5.96
N VAL D 127 24.40 7.62 -4.70
CA VAL D 127 25.64 8.03 -4.06
C VAL D 127 26.84 7.21 -4.52
N GLY D 128 26.61 5.97 -4.98
CA GLY D 128 27.68 5.21 -5.60
C GLY D 128 28.13 5.78 -6.92
N ASN D 129 27.25 6.52 -7.60
CA ASN D 129 27.71 7.25 -8.78
C ASN D 129 28.69 8.38 -8.46
N LEU D 130 28.84 8.76 -7.19
CA LEU D 130 29.83 9.76 -6.84
C LEU D 130 31.24 9.17 -6.91
N ARG D 131 32.20 10.02 -7.24
CA ARG D 131 33.61 9.62 -7.29
C ARG D 131 34.29 10.01 -5.97
N GLU D 132 33.85 9.36 -4.91
CA GLU D 132 34.32 9.69 -3.57
C GLU D 132 34.34 8.42 -2.72
N SER D 133 35.05 8.49 -1.61
CA SER D 133 35.15 7.37 -0.69
C SER D 133 33.79 7.07 -0.07
N PRO D 134 33.57 5.83 0.39
CA PRO D 134 32.28 5.49 0.98
C PRO D 134 31.91 6.37 2.17
N LEU D 135 32.88 6.79 2.98
CA LEU D 135 32.58 7.77 4.03
C LEU D 135 32.13 9.09 3.41
N GLY D 136 32.82 9.55 2.38
CA GLY D 136 32.38 10.73 1.66
C GLY D 136 31.04 10.53 0.98
N GLN D 137 30.79 9.32 0.48
CA GLN D 137 29.49 9.02 -0.10
C GLN D 137 28.38 9.17 0.93
N GLU D 138 28.59 8.65 2.15
CA GLU D 138 27.59 8.78 3.20
C GLU D 138 27.40 10.24 3.61
N LYS D 139 28.50 11.00 3.71
CA LYS D 139 28.39 12.41 4.06
C LYS D 139 27.62 13.18 3.01
N ALA D 140 27.91 12.94 1.72
CA ALA D 140 27.18 13.60 0.65
C ALA D 140 25.72 13.19 0.63
N LEU D 141 25.43 11.91 0.93
CA LEU D 141 24.04 11.48 1.01
C LEU D 141 23.30 12.22 2.11
N GLU D 142 23.93 12.36 3.28
CA GLU D 142 23.29 13.09 4.38
C GLU D 142 23.05 14.54 4.00
N GLN D 143 24.03 15.17 3.35
CA GLN D 143 23.85 16.56 2.92
C GLN D 143 22.72 16.70 1.91
N ILE D 144 22.64 15.77 0.94
CA ILE D 144 21.56 15.81 -0.05
C ILE D 144 20.22 15.66 0.64
N LEU D 145 20.11 14.72 1.58
CA LEU D 145 18.86 14.53 2.30
C LEU D 145 18.48 15.78 3.07
N GLU D 146 19.46 16.44 3.68
CA GLU D 146 19.18 17.68 4.40
C GLU D 146 18.66 18.77 3.46
N TYR D 147 19.27 18.90 2.29
CA TYR D 147 18.96 20.00 1.38
C TYR D 147 17.78 19.73 0.47
N GLU D 148 17.24 18.51 0.46
CA GLU D 148 16.17 18.18 -0.49
C GLU D 148 14.93 19.05 -0.30
N LEU D 149 14.44 19.17 0.94
CA LEU D 149 13.21 19.92 1.15
C LEU D 149 13.43 21.42 0.98
N LEU D 150 14.62 21.92 1.30
CA LEU D 150 14.93 23.32 1.01
C LEU D 150 14.90 23.57 -0.50
N LEU D 151 15.47 22.66 -1.28
CA LEU D 151 15.41 22.80 -2.74
C LEU D 151 13.97 22.79 -3.22
N ILE D 152 13.15 21.91 -2.66
CA ILE D 152 11.73 21.89 -3.04
C ILE D 152 11.05 23.20 -2.66
N GLN D 153 11.46 23.81 -1.54
CA GLN D 153 10.94 25.12 -1.18
C GLN D 153 11.26 26.15 -2.25
N GLN D 154 12.54 26.25 -2.63
CA GLN D 154 12.96 27.34 -3.49
C GLN D 154 12.41 27.23 -4.90
N LEU D 155 11.85 26.08 -5.27
CA LEU D 155 11.13 25.92 -6.52
C LEU D 155 9.64 26.21 -6.37
N ASN D 156 9.20 26.62 -5.18
CA ASN D 156 7.79 26.90 -4.88
C ASN D 156 6.92 25.66 -5.07
N PHE D 157 7.52 24.48 -4.89
CA PHE D 157 6.83 23.20 -5.07
C PHE D 157 6.26 23.07 -6.49
N HIS D 158 6.99 23.58 -7.47
CA HIS D 158 6.67 23.42 -8.89
C HIS D 158 7.69 22.46 -9.47
N LEU D 159 7.34 21.18 -9.49
CA LEU D 159 8.29 20.13 -9.83
C LEU D 159 8.20 19.68 -11.27
N ILE D 160 7.06 19.83 -11.93
CA ILE D 160 6.93 19.42 -13.33
C ILE D 160 7.68 20.42 -14.20
N VAL D 161 8.66 19.93 -14.94
CA VAL D 161 9.46 20.74 -15.85
C VAL D 161 9.26 20.22 -17.26
N HIS D 162 8.91 21.12 -18.18
CA HIS D 162 8.67 20.76 -19.57
C HIS D 162 9.92 21.03 -20.38
N ASN D 163 10.45 19.99 -21.00
CA ASN D 163 11.68 20.00 -21.78
C ASN D 163 11.36 20.14 -23.27
N PRO D 164 12.31 20.62 -24.08
CA PRO D 164 12.06 20.78 -25.51
C PRO D 164 12.14 19.51 -26.33
N TYR D 165 12.46 18.35 -25.72
CA TYR D 165 12.73 17.15 -26.49
C TYR D 165 11.46 16.56 -27.11
N ARG D 166 10.39 16.43 -26.33
CA ARG D 166 9.12 15.99 -26.90
C ARG D 166 8.57 16.97 -27.94
N PRO D 167 8.59 18.29 -27.72
CA PRO D 167 8.23 19.20 -28.83
C PRO D 167 9.09 19.02 -30.06
N PHE D 168 10.39 18.74 -29.87
CA PHE D 168 11.26 18.46 -31.01
C PHE D 168 10.79 17.24 -31.78
N GLU D 169 10.44 16.16 -31.07
CA GLU D 169 9.92 14.96 -31.73
C GLU D 169 8.61 15.25 -32.46
N GLY D 170 7.73 16.01 -31.83
CA GLY D 170 6.46 16.33 -32.49
C GLY D 170 6.64 17.18 -33.74
N PHE D 171 7.56 18.14 -33.69
CA PHE D 171 7.86 18.94 -34.87
C PHE D 171 8.46 18.09 -35.97
N LEU D 172 9.32 17.14 -35.61
CA LEU D 172 9.87 16.23 -36.62
C LEU D 172 8.77 15.38 -37.27
N ILE D 173 7.82 14.90 -36.45
CA ILE D 173 6.70 14.14 -37.01
C ILE D 173 5.89 15.00 -37.98
N ASP D 174 5.58 16.24 -37.56
CA ASP D 174 4.78 17.11 -38.42
C ASP D 174 5.52 17.45 -39.70
N LEU D 175 6.84 17.63 -39.62
CA LEU D 175 7.63 17.89 -40.82
C LEU D 175 7.62 16.69 -41.75
N LYS D 176 7.81 15.48 -41.21
CA LYS D 176 7.78 14.29 -42.04
C LYS D 176 6.43 14.08 -42.69
N THR D 177 5.36 14.54 -42.05
CA THR D 177 4.03 14.30 -42.60
C THR D 177 3.58 15.38 -43.58
N ARG D 178 3.69 16.65 -43.20
CA ARG D 178 3.06 17.73 -43.95
C ARG D 178 4.06 18.59 -44.72
N TYR D 179 5.32 18.20 -44.81
CA TYR D 179 6.35 18.98 -45.50
C TYR D 179 7.12 18.08 -46.45
N PRO D 180 6.53 17.74 -47.60
CA PRO D 180 7.27 16.93 -48.58
C PRO D 180 8.47 17.65 -49.19
N ILE D 181 8.54 18.98 -49.09
CA ILE D 181 9.68 19.71 -49.64
C ILE D 181 10.97 19.25 -48.97
N LEU D 182 10.98 19.19 -47.64
CA LEU D 182 12.09 18.60 -46.92
C LEU D 182 12.06 17.10 -47.12
N GLU D 183 13.00 16.58 -47.92
CA GLU D 183 12.95 15.17 -48.30
C GLU D 183 13.06 14.24 -47.10
N ASN D 184 13.93 14.58 -46.15
CA ASN D 184 14.14 13.76 -44.97
C ASN D 184 14.59 14.65 -43.83
N PRO D 185 13.69 14.99 -42.91
CA PRO D 185 14.07 15.81 -41.75
C PRO D 185 15.07 15.14 -40.81
N GLU D 186 15.31 13.83 -40.96
CA GLU D 186 16.22 13.12 -40.06
C GLU D 186 17.63 13.71 -40.07
N ILE D 187 18.14 14.15 -41.22
CA ILE D 187 19.47 14.73 -41.25
C ILE D 187 19.55 16.06 -40.50
N LEU D 188 18.41 16.62 -40.12
CA LEU D 188 18.38 17.81 -39.28
C LEU D 188 18.53 17.50 -37.80
N ARG D 189 18.55 16.21 -37.43
CA ARG D 189 18.51 15.86 -36.02
C ARG D 189 19.78 16.29 -35.29
N LYS D 190 20.92 15.71 -35.66
CA LYS D 190 22.14 15.85 -34.86
C LYS D 190 22.48 17.31 -34.62
N THR D 191 22.56 18.11 -35.69
CA THR D 191 22.90 19.52 -35.54
C THR D 191 21.91 20.21 -34.60
N ALA D 192 20.61 19.98 -34.80
CA ALA D 192 19.62 20.57 -33.91
C ALA D 192 19.88 20.14 -32.48
N ASP D 193 20.15 18.85 -32.27
CA ASP D 193 20.50 18.37 -30.93
C ASP D 193 21.66 19.18 -30.36
N ASP D 194 22.72 19.34 -31.16
CA ASP D 194 23.84 20.16 -30.71
C ASP D 194 23.39 21.55 -30.33
N PHE D 195 22.57 22.17 -31.18
CA PHE D 195 22.08 23.51 -30.87
C PHE D 195 21.30 23.50 -29.57
N LEU D 196 20.49 22.46 -29.35
CA LEU D 196 19.74 22.37 -28.11
C LEU D 196 20.67 22.39 -26.91
N ASN D 197 21.77 21.64 -26.98
CA ASN D 197 22.73 21.64 -25.89
C ASN D 197 23.28 23.04 -25.67
N ARG D 198 23.60 23.76 -26.75
CA ARG D 198 24.05 25.13 -26.62
C ARG D 198 22.99 25.98 -25.94
N ILE D 199 21.72 25.77 -26.32
CA ILE D 199 20.62 26.48 -25.69
C ILE D 199 20.59 26.18 -24.20
N ALA D 200 20.88 24.92 -23.84
CA ALA D 200 20.85 24.55 -22.42
C ALA D 200 21.91 25.28 -21.62
N LEU D 201 22.95 25.79 -22.28
CA LEU D 201 24.01 26.47 -21.56
C LEU D 201 23.59 27.88 -21.14
N THR D 202 22.68 28.49 -21.90
CA THR D 202 22.26 29.87 -21.66
C THR D 202 21.06 29.90 -20.71
N ASP D 203 20.43 31.06 -20.58
CA ASP D 203 19.24 31.24 -19.76
C ASP D 203 17.96 31.22 -20.58
N ALA D 204 17.97 30.57 -21.74
CA ALA D 204 16.78 30.55 -22.59
C ALA D 204 15.67 29.71 -21.99
N TYR D 205 16.02 28.70 -21.18
CA TYR D 205 15.02 27.86 -20.54
C TYR D 205 14.11 28.65 -19.61
N LEU D 206 14.60 29.75 -19.05
CA LEU D 206 13.80 30.62 -18.20
C LEU D 206 13.13 31.75 -18.95
N LEU D 207 13.37 31.86 -20.26
CA LEU D 207 12.84 32.96 -21.05
C LEU D 207 11.87 32.54 -22.14
N TYR D 208 11.93 31.30 -22.62
CA TYR D 208 11.12 30.89 -23.76
C TYR D 208 10.47 29.54 -23.46
N THR D 209 9.44 29.23 -24.24
CA THR D 209 8.72 27.98 -24.13
C THR D 209 9.52 26.84 -24.76
N PRO D 210 9.30 25.60 -24.31
CA PRO D 210 10.00 24.47 -24.93
C PRO D 210 9.75 24.33 -26.42
N SER D 211 8.53 24.59 -26.87
CA SER D 211 8.22 24.48 -28.29
C SER D 211 8.98 25.51 -29.11
N GLN D 212 9.06 26.74 -28.62
CA GLN D 212 9.85 27.77 -29.31
C GLN D 212 11.32 27.37 -29.38
N ILE D 213 11.85 26.82 -28.30
CA ILE D 213 13.25 26.39 -28.28
C ILE D 213 13.50 25.28 -29.29
N ALA D 214 12.60 24.29 -29.34
CA ALA D 214 12.78 23.19 -30.28
C ALA D 214 12.65 23.66 -31.72
N LEU D 215 11.68 24.52 -32.01
CA LEU D 215 11.55 25.04 -33.37
C LEU D 215 12.76 25.89 -33.74
N THR D 216 13.29 26.66 -32.79
CA THR D 216 14.49 27.44 -33.05
C THR D 216 15.67 26.54 -33.37
N ALA D 217 15.83 25.46 -32.62
CA ALA D 217 16.90 24.50 -32.91
C ALA D 217 16.73 23.90 -34.30
N ILE D 218 15.49 23.52 -34.66
CA ILE D 218 15.24 22.90 -35.96
C ILE D 218 15.59 23.87 -37.07
N LEU D 219 15.13 25.12 -36.96
CA LEU D 219 15.37 26.09 -38.02
C LEU D 219 16.84 26.48 -38.11
N SER D 220 17.52 26.56 -36.97
CA SER D 220 18.96 26.82 -36.99
C SER D 220 19.71 25.68 -37.68
N SER D 221 19.33 24.43 -37.39
CA SER D 221 19.96 23.29 -38.04
C SER D 221 19.70 23.30 -39.54
N ALA D 222 18.49 23.68 -39.95
CA ALA D 222 18.19 23.77 -41.37
C ALA D 222 19.00 24.87 -42.04
N SER D 223 19.12 26.03 -41.39
CA SER D 223 19.90 27.12 -41.96
C SER D 223 21.37 26.73 -42.09
N ARG D 224 21.89 25.98 -41.12
CA ARG D 224 23.26 25.50 -41.23
C ARG D 224 23.44 24.59 -42.44
N ALA D 225 22.42 23.81 -42.77
CA ALA D 225 22.48 22.89 -43.90
C ALA D 225 22.06 23.51 -45.22
N GLY D 226 21.78 24.82 -45.24
CA GLY D 226 21.37 25.48 -46.46
C GLY D 226 19.93 25.25 -46.86
N ILE D 227 19.10 24.75 -45.95
CA ILE D 227 17.69 24.48 -46.21
C ILE D 227 16.87 25.52 -45.46
N THR D 228 15.85 26.07 -46.13
CA THR D 228 14.97 27.06 -45.54
C THR D 228 13.54 26.54 -45.55
N MET D 229 12.81 26.79 -44.46
CA MET D 229 11.43 26.37 -44.33
C MET D 229 10.54 27.55 -43.95
N GLU D 230 10.68 28.66 -44.69
CA GLU D 230 9.73 29.75 -44.55
C GLU D 230 8.32 29.27 -44.92
N SER D 231 8.21 28.35 -45.89
CA SER D 231 6.91 27.83 -46.28
C SER D 231 6.30 26.98 -45.18
N TYR D 232 7.13 26.27 -44.41
CA TYR D 232 6.60 25.46 -43.31
C TYR D 232 5.91 26.34 -42.27
N LEU D 233 6.55 27.46 -41.90
CA LEU D 233 5.94 28.36 -40.94
C LEU D 233 4.73 29.09 -41.53
N SER D 234 4.85 29.51 -42.79
CA SER D 234 3.81 30.36 -43.38
C SER D 234 2.55 29.57 -43.72
N GLU D 235 2.70 28.32 -44.15
CA GLU D 235 1.58 27.55 -44.67
C GLU D 235 1.20 26.36 -43.79
N SER D 236 2.17 25.51 -43.45
CA SER D 236 1.85 24.34 -42.63
C SER D 236 1.36 24.77 -41.24
N LEU D 237 2.01 25.75 -40.65
CA LEU D 237 1.57 26.30 -39.36
C LEU D 237 0.52 27.38 -39.52
N MET D 238 0.08 27.66 -40.75
CA MET D 238 -1.03 28.57 -41.03
C MET D 238 -0.77 29.99 -40.54
N LEU D 239 0.50 30.41 -40.55
CA LEU D 239 0.85 31.75 -40.11
C LEU D 239 0.73 32.79 -41.21
N LYS D 240 0.37 32.39 -42.43
CA LYS D 240 0.14 33.36 -43.49
C LYS D 240 -1.11 34.20 -43.25
N GLU D 241 -2.07 33.68 -42.49
CA GLU D 241 -3.27 34.44 -42.15
C GLU D 241 -3.01 35.50 -41.09
N ASN D 242 -1.98 35.32 -40.26
CA ASN D 242 -1.66 36.25 -39.18
C ASN D 242 -0.15 36.52 -39.26
N ARG D 243 0.20 37.62 -39.94
CA ARG D 243 1.61 37.94 -40.13
C ARG D 243 2.25 38.48 -38.85
N THR D 244 1.45 39.08 -37.96
CA THR D 244 2.01 39.58 -36.71
C THR D 244 2.62 38.46 -35.89
N CYS D 245 1.89 37.34 -35.77
CA CYS D 245 2.39 36.21 -34.99
C CYS D 245 3.64 35.62 -35.62
N LEU D 246 3.69 35.56 -36.95
CA LEU D 246 4.89 35.09 -37.62
C LEU D 246 6.08 36.02 -37.33
N SER D 247 5.83 37.33 -37.32
CA SER D 247 6.89 38.27 -37.00
C SER D 247 7.40 38.07 -35.58
N GLN D 248 6.50 37.88 -34.62
CA GLN D 248 6.94 37.60 -33.25
C GLN D 248 7.71 36.29 -33.18
N LEU D 249 7.31 35.29 -33.97
CA LEU D 249 8.00 34.01 -33.92
C LEU D 249 9.43 34.11 -34.43
N LEU D 250 9.62 34.75 -35.60
CA LEU D 250 10.98 34.97 -36.08
C LEU D 250 11.78 35.87 -35.14
N ASP D 251 11.12 36.84 -34.51
CA ASP D 251 11.82 37.71 -33.56
C ASP D 251 12.31 36.90 -32.36
N ILE D 252 11.47 35.99 -31.85
CA ILE D 252 11.86 35.11 -30.75
C ILE D 252 13.02 34.22 -31.16
N MET D 253 12.95 33.65 -32.36
CA MET D 253 14.03 32.76 -32.81
C MET D 253 15.34 33.52 -32.95
N LYS D 254 15.29 34.75 -33.49
CA LYS D 254 16.52 35.52 -33.64
C LYS D 254 17.08 35.93 -32.29
N SER D 255 16.20 36.26 -31.33
CA SER D 255 16.66 36.56 -29.98
C SER D 255 17.33 35.34 -29.35
N MET D 256 16.77 34.15 -29.56
CA MET D 256 17.38 32.93 -29.04
C MET D 256 18.75 32.70 -29.66
N ARG D 257 18.86 32.89 -30.98
CA ARG D 257 20.14 32.70 -31.66
C ARG D 257 21.18 33.69 -31.14
N ASN D 258 20.78 34.95 -30.93
CA ASN D 258 21.71 35.93 -30.38
C ASN D 258 22.11 35.56 -28.95
N LEU D 259 21.18 35.05 -28.16
CA LEU D 259 21.51 34.62 -26.80
C LEU D 259 22.54 33.50 -26.83
N VAL D 260 22.37 32.55 -27.75
CA VAL D 260 23.37 31.47 -27.90
C VAL D 260 24.71 32.05 -28.33
N LYS D 261 24.69 33.00 -29.27
CA LYS D 261 25.94 33.53 -29.81
C LYS D 261 26.71 34.32 -28.75
N LYS D 262 26.01 35.03 -27.86
CA LYS D 262 26.67 35.88 -26.87
C LYS D 262 27.11 35.13 -25.63
N TYR D 263 26.78 33.84 -25.51
CA TYR D 263 27.18 33.07 -24.34
C TYR D 263 28.69 32.91 -24.29
N GLU D 264 29.26 33.07 -23.10
CA GLU D 264 30.69 32.92 -22.87
C GLU D 264 30.95 31.83 -21.84
N PRO D 265 31.64 30.76 -22.19
CA PRO D 265 31.96 29.73 -21.20
C PRO D 265 32.96 30.25 -20.18
N PRO D 266 32.97 29.68 -18.97
CA PRO D 266 33.90 30.16 -17.94
C PRO D 266 35.34 29.82 -18.27
N ARG D 267 36.25 30.62 -17.69
CA ARG D 267 37.68 30.43 -17.86
C ARG D 267 38.23 29.62 -16.69
N SER D 268 39.10 28.66 -17.01
CA SER D 268 39.54 27.67 -16.02
C SER D 268 40.25 28.33 -14.83
N GLU D 269 41.16 29.27 -15.12
CA GLU D 269 41.85 29.94 -14.03
C GLU D 269 40.91 30.84 -13.23
N GLU D 270 39.98 31.51 -13.93
CA GLU D 270 38.97 32.31 -13.23
C GLU D 270 38.09 31.41 -12.36
N VAL D 271 37.75 30.23 -12.88
CA VAL D 271 36.97 29.27 -12.09
C VAL D 271 37.75 28.83 -10.86
N ALA D 272 39.06 28.62 -11.00
CA ALA D 272 39.88 28.23 -9.85
C ALA D 272 39.90 29.32 -8.80
N VAL D 273 40.10 30.58 -9.21
CA VAL D 273 40.12 31.68 -8.25
C VAL D 273 38.77 31.83 -7.56
N LEU D 274 37.68 31.73 -8.33
CA LEU D 274 36.35 31.87 -7.74
C LEU D 274 36.03 30.69 -6.82
N LYS D 275 36.49 29.49 -7.15
CA LYS D 275 36.29 28.35 -6.27
C LYS D 275 37.05 28.53 -4.96
N GLN D 276 38.27 29.05 -5.03
CA GLN D 276 39.02 29.35 -3.81
C GLN D 276 38.30 30.39 -2.97
N LYS D 277 37.78 31.43 -3.62
CA LYS D 277 37.05 32.48 -2.89
C LYS D 277 35.79 31.92 -2.26
N LEU D 278 35.07 31.06 -2.98
CA LEU D 278 33.86 30.46 -2.43
C LEU D 278 34.18 29.55 -1.24
N GLU D 279 35.26 28.78 -1.34
CA GLU D 279 35.66 27.94 -0.22
C GLU D 279 36.01 28.77 1.00
N ARG D 280 36.71 29.90 0.79
CA ARG D 280 37.03 30.79 1.90
C ARG D 280 35.76 31.39 2.50
N CYS D 281 34.81 31.79 1.66
CA CYS D 281 33.61 32.45 2.16
C CYS D 281 32.66 31.46 2.83
N HIS D 282 32.76 30.18 2.48
CA HIS D 282 31.87 29.19 3.06
C HIS D 282 32.34 28.72 4.43
N SER D 283 33.42 29.34 4.93
CA SER D 283 33.94 29.07 6.25
C SER D 283 34.03 30.32 7.11
N ALA D 284 33.60 31.47 6.61
CA ALA D 284 33.65 32.72 7.36
C ALA D 284 32.30 33.14 7.93
N GLU D 285 31.21 32.53 7.48
CA GLU D 285 29.89 32.85 8.01
C GLU D 285 29.75 32.38 9.45
N LYS E 55 2.35 29.51 13.41
CA LYS E 55 1.15 30.32 13.36
C LYS E 55 0.52 30.28 11.96
N ARG E 56 0.34 29.08 11.42
CA ARG E 56 -0.27 28.95 10.11
C ARG E 56 -1.46 28.00 10.11
N TYR E 57 -1.39 26.91 10.88
CA TYR E 57 -2.44 25.92 10.85
C TYR E 57 -2.69 25.40 12.26
N GLU E 58 -3.95 25.44 12.69
CA GLU E 58 -4.35 25.04 14.03
C GLU E 58 -5.04 23.68 13.93
N LYS E 59 -4.32 22.62 14.27
CA LYS E 59 -4.88 21.28 14.27
C LYS E 59 -6.07 21.20 15.22
N LEU E 60 -7.25 20.90 14.67
CA LEU E 60 -8.47 20.89 15.45
C LEU E 60 -9.22 19.56 15.44
N ASP E 61 -8.74 18.55 14.72
CA ASP E 61 -9.43 17.27 14.66
C ASP E 61 -8.49 16.23 14.06
N PHE E 62 -8.89 14.97 14.17
CA PHE E 62 -8.21 13.85 13.52
C PHE E 62 -9.21 13.23 12.54
N LEU E 63 -8.84 13.19 11.26
CA LEU E 63 -9.80 12.78 10.24
C LEU E 63 -9.70 11.28 9.94
N GLY E 64 -8.49 10.78 9.76
CA GLY E 64 -8.32 9.38 9.39
C GLY E 64 -6.87 8.99 9.45
N GLU E 65 -6.65 7.67 9.40
CA GLU E 65 -5.32 7.12 9.52
C GLU E 65 -5.12 6.08 8.41
N GLY E 66 -3.90 6.04 7.88
CA GLY E 66 -3.59 5.11 6.81
C GLY E 66 -2.12 4.74 6.84
N GLN E 67 -1.78 3.77 5.99
CA GLN E 67 -0.40 3.30 5.93
C GLN E 67 0.54 4.39 5.46
N PHE E 68 0.13 5.18 4.47
CA PHE E 68 1.03 6.17 3.87
C PHE E 68 1.07 7.47 4.66
N ALA E 69 -0.01 7.84 5.33
CA ALA E 69 -0.09 9.18 5.92
C ALA E 69 -1.17 9.21 6.99
N THR E 70 -1.18 10.31 7.73
CA THR E 70 -2.22 10.60 8.73
C THR E 70 -2.93 11.87 8.30
N VAL E 71 -4.26 11.82 8.22
CA VAL E 71 -5.06 12.93 7.72
C VAL E 71 -5.79 13.56 8.91
N TYR E 72 -5.63 14.87 9.08
CA TYR E 72 -6.27 15.60 10.15
C TYR E 72 -6.83 16.91 9.62
N LYS E 73 -7.53 17.64 10.49
CA LYS E 73 -8.33 18.79 10.11
C LYS E 73 -7.74 20.05 10.74
N ALA E 74 -7.68 21.14 9.97
CA ALA E 74 -6.99 22.33 10.45
C ALA E 74 -7.63 23.59 9.85
N ARG E 75 -7.21 24.74 10.36
CA ARG E 75 -7.71 26.04 9.93
C ARG E 75 -6.53 26.94 9.58
N ASP E 76 -6.69 27.73 8.50
CA ASP E 76 -5.58 28.44 7.88
C ASP E 76 -5.09 29.64 8.68
N LYS E 77 -5.86 30.11 9.66
CA LYS E 77 -5.48 31.24 10.51
C LYS E 77 -5.31 32.54 9.73
N ASN E 78 -5.54 32.51 8.41
CA ASN E 78 -5.50 33.72 7.59
C ASN E 78 -6.91 34.13 7.18
N THR E 79 -7.64 33.24 6.53
CA THR E 79 -9.06 33.41 6.27
C THR E 79 -9.91 32.48 7.14
N ASN E 80 -9.28 31.78 8.09
CA ASN E 80 -9.96 30.81 8.93
C ASN E 80 -10.66 29.75 8.08
N GLN E 81 -10.03 29.39 6.97
CA GLN E 81 -10.56 28.37 6.08
C GLN E 81 -10.37 26.98 6.67
N ILE E 82 -11.28 26.08 6.34
CA ILE E 82 -11.24 24.71 6.83
C ILE E 82 -10.51 23.86 5.79
N VAL E 83 -9.45 23.18 6.22
CA VAL E 83 -8.60 22.42 5.31
C VAL E 83 -8.28 21.06 5.92
N ALA E 84 -7.90 20.13 5.05
CA ALA E 84 -7.48 18.79 5.45
C ALA E 84 -5.99 18.65 5.21
N ILE E 85 -5.24 18.42 6.28
CA ILE E 85 -3.79 18.30 6.22
C ILE E 85 -3.42 16.82 6.26
N LYS E 86 -2.68 16.38 5.26
CA LYS E 86 -2.18 15.02 5.16
C LYS E 86 -0.70 15.05 5.53
N LYS E 87 -0.36 14.51 6.69
CA LYS E 87 1.01 14.43 7.16
C LYS E 87 1.60 13.09 6.74
N ILE E 88 2.69 13.14 5.99
CA ILE E 88 3.27 11.95 5.40
C ILE E 88 4.20 11.29 6.41
N LYS E 89 4.03 9.98 6.59
CA LYS E 89 4.81 9.24 7.58
C LYS E 89 6.22 8.96 7.07
N LEU E 90 7.10 8.64 8.02
CA LEU E 90 8.47 8.29 7.67
C LEU E 90 8.56 6.90 7.05
N GLY E 91 7.62 6.03 7.36
CA GLY E 91 7.68 4.66 6.90
C GLY E 91 8.64 3.82 7.73
N HIS E 92 9.12 2.75 7.12
CA HIS E 92 10.07 1.87 7.76
C HIS E 92 11.44 2.55 7.82
N ARG E 93 12.24 2.17 8.84
CA ARG E 93 13.57 2.75 8.98
C ARG E 93 14.45 2.49 7.78
N SER E 94 14.16 1.45 6.99
CA SER E 94 14.93 1.18 5.79
C SER E 94 14.76 2.25 4.72
N GLU E 95 13.68 3.03 4.78
CA GLU E 95 13.48 4.13 3.84
C GLU E 95 13.94 5.47 4.40
N ALA E 96 14.61 5.49 5.55
CA ALA E 96 15.03 6.76 6.15
C ALA E 96 16.11 7.46 5.32
N LYS E 97 16.80 6.73 4.44
CA LYS E 97 17.80 7.32 3.57
C LYS E 97 17.26 7.59 2.17
N ASP E 98 15.96 7.38 1.94
CA ASP E 98 15.37 7.58 0.63
C ASP E 98 14.94 9.03 0.39
N GLY E 99 14.79 9.82 1.44
CA GLY E 99 14.34 11.20 1.29
C GLY E 99 12.84 11.32 1.46
N ILE E 100 12.30 12.38 0.85
CA ILE E 100 10.87 12.62 0.92
C ILE E 100 10.13 11.49 0.20
N ASN E 101 8.96 11.15 0.73
CA ASN E 101 8.18 10.02 0.21
C ASN E 101 7.78 10.26 -1.24
N ARG E 102 7.98 9.23 -2.07
CA ARG E 102 7.74 9.36 -3.51
C ARG E 102 6.27 9.59 -3.82
N THR E 103 5.37 8.97 -3.04
CA THR E 103 3.94 9.18 -3.25
C THR E 103 3.56 10.64 -2.99
N ALA E 104 4.15 11.24 -1.95
CA ALA E 104 3.89 12.65 -1.67
C ALA E 104 4.38 13.53 -2.81
N LEU E 105 5.57 13.25 -3.34
CA LEU E 105 6.09 14.02 -4.45
C LEU E 105 5.22 13.87 -5.69
N ARG E 106 4.74 12.64 -5.94
CA ARG E 106 3.84 12.40 -7.07
C ARG E 106 2.57 13.22 -6.93
N GLU E 107 1.97 13.20 -5.73
CA GLU E 107 0.74 13.94 -5.49
C GLU E 107 0.97 15.44 -5.68
N ILE E 108 2.07 15.97 -5.12
CA ILE E 108 2.36 17.39 -5.23
C ILE E 108 2.54 17.78 -6.69
N LYS E 109 3.39 17.04 -7.42
CA LYS E 109 3.73 17.43 -8.77
C LYS E 109 2.54 17.32 -9.71
N LEU E 110 1.67 16.31 -9.50
CA LEU E 110 0.52 16.17 -10.38
C LEU E 110 -0.55 17.21 -10.06
N LEU E 111 -0.81 17.46 -8.78
CA LEU E 111 -1.87 18.41 -8.44
C LEU E 111 -1.45 19.86 -8.61
N GLN E 112 -0.15 20.14 -8.71
CA GLN E 112 0.28 21.52 -8.97
C GLN E 112 0.13 21.92 -10.43
N GLU E 113 -0.28 21.00 -11.31
CA GLU E 113 -0.46 21.30 -12.72
C GLU E 113 -1.90 21.16 -13.19
N LEU E 114 -2.82 20.78 -12.30
CA LEU E 114 -4.21 20.56 -12.66
C LEU E 114 -5.11 21.55 -11.93
N SER E 115 -6.17 21.98 -12.60
CA SER E 115 -7.15 22.88 -11.99
C SER E 115 -8.50 22.64 -12.67
N HIS E 116 -9.34 21.84 -12.04
CA HIS E 116 -10.69 21.57 -12.49
C HIS E 116 -11.61 21.55 -11.29
N PRO E 117 -12.89 21.91 -11.45
CA PRO E 117 -13.82 21.86 -10.32
C PRO E 117 -13.94 20.47 -9.70
N ASN E 118 -13.85 19.41 -10.50
CA ASN E 118 -14.06 18.05 -10.02
C ASN E 118 -12.76 17.32 -9.72
N ILE E 119 -11.70 18.06 -9.40
CA ILE E 119 -10.42 17.49 -9.01
C ILE E 119 -9.96 18.17 -7.73
N ILE E 120 -9.52 17.38 -6.76
CA ILE E 120 -9.14 17.93 -5.46
C ILE E 120 -7.96 18.89 -5.64
N GLY E 121 -8.05 20.03 -4.94
CA GLY E 121 -7.05 21.07 -5.05
C GLY E 121 -6.05 20.99 -3.91
N LEU E 122 -4.77 21.13 -4.25
CA LEU E 122 -3.70 21.14 -3.26
C LEU E 122 -3.43 22.60 -2.87
N LEU E 123 -3.93 22.98 -1.69
CA LEU E 123 -3.86 24.38 -1.29
C LEU E 123 -2.45 24.77 -0.86
N ASP E 124 -1.75 23.89 -0.15
CA ASP E 124 -0.42 24.20 0.34
C ASP E 124 0.34 22.90 0.53
N ALA E 125 1.67 23.01 0.49
CA ALA E 125 2.55 21.85 0.64
C ALA E 125 3.69 22.18 1.59
N PHE E 126 3.40 22.91 2.67
CA PHE E 126 4.42 23.23 3.64
C PHE E 126 4.98 21.97 4.27
N GLY E 127 6.25 21.98 4.61
CA GLY E 127 6.84 20.82 5.24
C GLY E 127 7.96 21.12 6.22
N HIS E 128 7.87 20.55 7.42
CA HIS E 128 9.02 20.50 8.29
C HIS E 128 10.06 19.59 7.65
N LYS E 129 11.35 19.90 7.86
CA LYS E 129 12.37 19.14 7.17
C LYS E 129 12.34 17.68 7.61
N SER E 130 11.82 17.41 8.80
CA SER E 130 11.63 16.03 9.26
C SER E 130 10.40 15.39 8.60
N ASN E 131 9.36 16.18 8.34
CA ASN E 131 8.08 15.63 7.90
C ASN E 131 7.36 16.63 7.02
N ILE E 132 6.89 16.18 5.85
CA ILE E 132 6.21 17.03 4.88
C ILE E 132 4.70 16.84 5.04
N SER E 133 3.95 17.93 4.85
CA SER E 133 2.51 17.94 4.99
C SER E 133 1.87 18.57 3.76
N LEU E 134 0.74 18.03 3.33
CA LEU E 134 0.02 18.51 2.15
C LEU E 134 -1.37 18.99 2.54
N VAL E 135 -1.71 20.20 2.12
CA VAL E 135 -2.98 20.82 2.48
C VAL E 135 -3.93 20.69 1.31
N PHE E 136 -5.10 20.08 1.55
CA PHE E 136 -6.17 19.98 0.58
C PHE E 136 -7.41 20.69 1.10
N ASP E 137 -8.37 20.89 0.22
CA ASP E 137 -9.69 21.29 0.67
C ASP E 137 -10.31 20.20 1.53
N PHE E 138 -11.09 20.61 2.52
CA PHE E 138 -11.79 19.63 3.34
C PHE E 138 -13.01 19.12 2.60
N MET E 139 -13.13 17.80 2.52
CA MET E 139 -14.23 17.14 1.82
C MET E 139 -15.11 16.47 2.87
N GLU E 140 -16.41 16.77 2.83
CA GLU E 140 -17.32 16.32 3.88
C GLU E 140 -17.41 14.80 3.92
N THR E 141 -17.64 14.17 2.77
CA THR E 141 -17.77 12.72 2.71
C THR E 141 -17.30 12.26 1.33
N ASP E 142 -17.63 11.02 0.97
CA ASP E 142 -17.28 10.47 -0.32
C ASP E 142 -18.42 9.59 -0.82
N LEU E 143 -18.25 9.04 -2.03
CA LEU E 143 -19.31 8.28 -2.65
C LEU E 143 -19.57 6.94 -1.96
N GLU E 144 -18.54 6.37 -1.33
CA GLU E 144 -18.72 5.08 -0.67
C GLU E 144 -19.67 5.18 0.52
N VAL E 145 -19.56 6.25 1.31
CA VAL E 145 -20.46 6.44 2.43
C VAL E 145 -21.90 6.56 1.95
N ILE E 146 -22.11 7.32 0.87
CA ILE E 146 -23.45 7.48 0.33
C ILE E 146 -23.98 6.17 -0.23
N ILE E 147 -23.11 5.37 -0.86
CA ILE E 147 -23.54 4.10 -1.42
C ILE E 147 -23.95 3.14 -0.31
N LYS E 148 -23.15 3.06 0.76
CA LYS E 148 -23.42 2.12 1.84
C LYS E 148 -24.52 2.61 2.79
N ASP E 149 -24.91 3.88 2.72
CA ASP E 149 -25.92 4.43 3.60
C ASP E 149 -27.31 4.06 3.09
N ASN E 150 -28.03 3.25 3.85
CA ASN E 150 -29.36 2.81 3.44
C ASN E 150 -30.45 3.83 3.71
N SER E 151 -30.17 4.87 4.51
CA SER E 151 -31.18 5.87 4.82
C SER E 151 -31.61 6.65 3.58
N LEU E 152 -30.66 6.97 2.71
CA LEU E 152 -30.93 7.79 1.54
C LEU E 152 -31.13 6.90 0.31
N VAL E 153 -31.95 7.39 -0.62
CA VAL E 153 -32.32 6.65 -1.82
C VAL E 153 -31.64 7.29 -3.02
N LEU E 154 -31.08 6.45 -3.90
CA LEU E 154 -30.38 6.92 -5.09
C LEU E 154 -31.35 6.90 -6.27
N THR E 155 -32.07 8.00 -6.45
CA THR E 155 -32.93 8.16 -7.60
C THR E 155 -32.08 8.26 -8.87
N PRO E 156 -32.66 7.94 -10.04
CA PRO E 156 -31.87 8.02 -11.29
C PRO E 156 -31.17 9.35 -11.50
N SER E 157 -31.77 10.47 -11.06
CA SER E 157 -31.11 11.76 -11.23
C SER E 157 -29.86 11.87 -10.38
N HIS E 158 -29.87 11.31 -9.18
CA HIS E 158 -28.68 11.31 -8.33
C HIS E 158 -27.54 10.55 -9.00
N ILE E 159 -27.83 9.36 -9.51
CA ILE E 159 -26.82 8.55 -10.18
C ILE E 159 -26.30 9.27 -11.41
N LYS E 160 -27.20 9.88 -12.19
CA LYS E 160 -26.77 10.60 -13.38
C LYS E 160 -25.85 11.76 -13.03
N ALA E 161 -26.19 12.51 -11.97
CA ALA E 161 -25.35 13.63 -11.57
C ALA E 161 -23.98 13.17 -11.09
N TYR E 162 -23.93 12.11 -10.28
CA TYR E 162 -22.65 11.60 -9.82
C TYR E 162 -21.80 11.13 -10.99
N MET E 163 -22.42 10.42 -11.93
CA MET E 163 -21.70 9.94 -13.10
C MET E 163 -21.19 11.11 -13.94
N LEU E 164 -21.99 12.18 -14.03
CA LEU E 164 -21.59 13.35 -14.82
C LEU E 164 -20.40 14.05 -14.20
N MET E 165 -20.42 14.27 -12.88
CA MET E 165 -19.27 14.89 -12.23
C MET E 165 -18.02 14.03 -12.38
N THR E 166 -18.15 12.72 -12.16
CA THR E 166 -17.01 11.82 -12.32
C THR E 166 -16.46 11.87 -13.74
N LEU E 167 -17.34 11.84 -14.73
CA LEU E 167 -16.91 11.79 -16.12
C LEU E 167 -16.28 13.11 -16.57
N GLN E 168 -16.80 14.24 -16.07
CA GLN E 168 -16.21 15.53 -16.43
C GLN E 168 -14.83 15.68 -15.81
N GLY E 169 -14.68 15.32 -14.53
CA GLY E 169 -13.36 15.30 -13.93
C GLY E 169 -12.40 14.39 -14.67
N LEU E 170 -12.86 13.20 -15.05
CA LEU E 170 -12.00 12.26 -15.76
C LEU E 170 -11.64 12.78 -17.15
N GLU E 171 -12.56 13.44 -17.84
CA GLU E 171 -12.24 14.00 -19.15
C GLU E 171 -11.18 15.08 -19.04
N TYR E 172 -11.31 15.95 -18.03
CA TYR E 172 -10.25 16.92 -17.79
C TYR E 172 -8.93 16.23 -17.50
N LEU E 173 -8.95 15.19 -16.67
CA LEU E 173 -7.72 14.49 -16.33
C LEU E 173 -7.07 13.84 -17.55
N HIS E 174 -7.87 13.23 -18.41
CA HIS E 174 -7.37 12.52 -19.58
C HIS E 174 -6.93 13.46 -20.70
N GLN E 175 -7.47 14.68 -20.74
CA GLN E 175 -6.99 15.64 -21.73
C GLN E 175 -5.57 16.09 -21.45
N HIS E 176 -5.12 16.01 -20.21
CA HIS E 176 -3.75 16.36 -19.84
C HIS E 176 -2.85 15.14 -19.76
N TRP E 177 -3.29 14.02 -20.31
CA TRP E 177 -2.49 12.80 -20.43
C TRP E 177 -2.08 12.26 -19.06
N ILE E 178 -3.06 12.16 -18.17
CA ILE E 178 -2.85 11.62 -16.83
C ILE E 178 -3.93 10.57 -16.56
N LEU E 179 -3.51 9.38 -16.13
CA LEU E 179 -4.40 8.33 -15.69
C LEU E 179 -4.49 8.35 -14.17
N HIS E 180 -5.72 8.33 -13.64
CA HIS E 180 -5.89 8.31 -12.19
C HIS E 180 -5.40 7.00 -11.59
N ARG E 181 -5.86 5.87 -12.15
CA ARG E 181 -5.43 4.51 -11.81
C ARG E 181 -5.83 4.06 -10.41
N ASP E 182 -6.55 4.87 -9.64
CA ASP E 182 -7.04 4.47 -8.33
C ASP E 182 -8.47 4.93 -8.12
N LEU E 183 -9.31 4.75 -9.14
CA LEU E 183 -10.69 5.21 -9.06
C LEU E 183 -11.54 4.20 -8.31
N LYS E 184 -12.16 4.65 -7.22
CA LYS E 184 -13.09 3.85 -6.44
C LYS E 184 -14.00 4.81 -5.68
N PRO E 185 -15.15 4.34 -5.20
CA PRO E 185 -16.11 5.26 -4.58
C PRO E 185 -15.55 6.09 -3.44
N ASN E 186 -14.65 5.56 -2.63
CA ASN E 186 -14.09 6.34 -1.54
C ASN E 186 -12.97 7.28 -2.00
N ASN E 187 -12.57 7.21 -3.27
CA ASN E 187 -11.67 8.19 -3.85
C ASN E 187 -12.39 9.29 -4.60
N LEU E 188 -13.73 9.28 -4.58
CA LEU E 188 -14.56 10.34 -5.14
C LEU E 188 -15.16 11.09 -3.96
N LEU E 189 -14.47 12.13 -3.51
CA LEU E 189 -14.88 12.85 -2.32
C LEU E 189 -15.97 13.87 -2.65
N LEU E 190 -16.75 14.21 -1.63
CA LEU E 190 -17.85 15.16 -1.75
C LEU E 190 -17.67 16.28 -0.75
N ASP E 191 -18.21 17.45 -1.10
CA ASP E 191 -18.17 18.63 -0.22
C ASP E 191 -19.57 18.97 0.26
N GLU E 192 -19.66 19.99 1.11
CA GLU E 192 -20.95 20.43 1.62
C GLU E 192 -21.84 20.95 0.51
N ASN E 193 -21.26 21.43 -0.59
CA ASN E 193 -22.00 21.91 -1.74
C ASN E 193 -22.31 20.81 -2.74
N GLY E 194 -21.95 19.57 -2.45
CA GLY E 194 -22.24 18.46 -3.33
C GLY E 194 -21.48 18.45 -4.64
N VAL E 195 -20.20 18.80 -4.62
CA VAL E 195 -19.34 18.75 -5.80
C VAL E 195 -18.40 17.57 -5.65
N LEU E 196 -18.50 16.60 -6.56
CA LEU E 196 -17.65 15.42 -6.52
C LEU E 196 -16.27 15.77 -7.07
N LYS E 197 -15.23 15.35 -6.35
CA LYS E 197 -13.85 15.60 -6.76
C LYS E 197 -13.06 14.30 -6.71
N LEU E 198 -12.33 14.01 -7.78
CA LEU E 198 -11.38 12.90 -7.75
C LEU E 198 -10.24 13.26 -6.80
N ALA E 199 -9.79 12.27 -6.02
CA ALA E 199 -8.72 12.48 -5.04
C ALA E 199 -7.78 11.29 -5.08
N ASP E 200 -6.84 11.28 -4.14
CA ASP E 200 -5.88 10.18 -3.97
C ASP E 200 -5.08 9.95 -5.26
N PHE E 201 -4.31 10.96 -5.63
CA PHE E 201 -3.50 10.94 -6.84
C PHE E 201 -2.15 10.28 -6.64
N GLY E 202 -1.96 9.55 -5.54
CA GLY E 202 -0.69 8.88 -5.28
C GLY E 202 -0.35 7.81 -6.30
N LEU E 203 -1.36 7.18 -6.90
CA LEU E 203 -1.13 6.21 -7.95
C LEU E 203 -1.19 6.81 -9.35
N ALA E 204 -1.64 8.05 -9.48
CA ALA E 204 -1.81 8.66 -10.79
C ALA E 204 -0.46 8.86 -11.47
N LYS E 205 -0.46 8.73 -12.79
CA LYS E 205 0.74 8.91 -13.58
C LYS E 205 0.37 9.40 -14.96
N SER E 206 1.35 9.94 -15.67
CA SER E 206 1.15 10.47 -17.01
C SER E 206 1.37 9.38 -18.05
N PHE E 207 0.43 9.27 -18.99
CA PHE E 207 0.50 8.28 -20.06
C PHE E 207 0.64 8.99 -21.40
N GLY E 208 0.81 8.19 -22.45
CA GLY E 208 0.91 8.72 -23.80
C GLY E 208 2.29 8.53 -24.42
N SER E 209 3.33 8.73 -23.63
CA SER E 209 4.69 8.57 -24.15
C SER E 209 5.08 7.10 -24.13
N PRO E 210 5.52 6.54 -25.26
CA PRO E 210 5.87 5.12 -25.29
C PRO E 210 7.16 4.83 -24.54
N ASN E 211 7.38 3.54 -24.27
CA ASN E 211 8.55 3.06 -23.53
C ASN E 211 8.65 3.71 -22.16
N ARG E 212 7.50 3.83 -21.48
CA ARG E 212 7.46 4.37 -20.13
C ARG E 212 6.81 3.40 -19.14
N ALA E 213 6.98 2.10 -19.35
CA ALA E 213 6.49 1.12 -18.39
C ALA E 213 7.25 1.26 -17.08
N TYR E 214 6.51 1.25 -15.97
CA TYR E 214 7.07 1.52 -14.65
C TYR E 214 6.51 0.56 -13.61
N THR E 215 6.63 0.92 -12.33
CA THR E 215 6.14 0.11 -11.23
C THR E 215 4.70 -0.33 -11.46
N HIS E 216 4.36 -1.47 -10.85
CA HIS E 216 3.11 -2.18 -11.10
C HIS E 216 1.97 -1.73 -10.18
N GLN E 217 2.00 -0.48 -9.71
CA GLN E 217 0.95 0.01 -8.84
C GLN E 217 -0.41 -0.04 -9.52
N VAL E 218 -1.34 -0.80 -8.95
CA VAL E 218 -2.67 -0.95 -9.50
C VAL E 218 -3.70 -0.68 -8.41
N VAL E 219 -4.94 -0.43 -8.85
CA VAL E 219 -6.06 -0.19 -7.94
C VAL E 219 -6.47 -1.51 -7.31
N THR E 220 -7.30 -1.46 -6.27
CA THR E 220 -7.87 -2.67 -5.69
C THR E 220 -8.59 -3.48 -6.76
N ARG E 221 -8.62 -4.80 -6.57
CA ARG E 221 -9.02 -5.70 -7.65
C ARG E 221 -10.48 -5.53 -8.05
N TRP E 222 -11.33 -5.06 -7.14
CA TRP E 222 -12.75 -4.95 -7.44
C TRP E 222 -13.01 -4.02 -8.62
N TYR E 223 -12.17 -2.99 -8.79
CA TYR E 223 -12.33 -2.02 -9.85
C TYR E 223 -11.23 -2.10 -10.90
N ARG E 224 -10.40 -3.14 -10.83
CA ARG E 224 -9.33 -3.32 -11.79
C ARG E 224 -9.87 -3.81 -13.13
N ALA E 225 -9.45 -3.15 -14.21
CA ALA E 225 -9.86 -3.56 -15.54
C ALA E 225 -9.26 -4.92 -15.88
N PRO E 226 -9.92 -5.70 -16.74
CA PRO E 226 -9.37 -7.02 -17.09
C PRO E 226 -7.99 -6.97 -17.73
N GLU E 227 -7.67 -5.91 -18.47
CA GLU E 227 -6.34 -5.80 -19.06
C GLU E 227 -5.27 -5.67 -17.97
N LEU E 228 -5.56 -4.93 -16.90
CA LEU E 228 -4.62 -4.84 -15.79
C LEU E 228 -4.50 -6.17 -15.06
N LEU E 229 -5.63 -6.86 -14.86
CA LEU E 229 -5.59 -8.17 -14.20
C LEU E 229 -4.77 -9.17 -15.01
N PHE E 230 -4.62 -8.97 -16.31
CA PHE E 230 -3.77 -9.80 -17.14
C PHE E 230 -2.34 -9.27 -17.23
N GLY E 231 -2.01 -8.24 -16.45
CA GLY E 231 -0.63 -7.80 -16.35
C GLY E 231 -0.17 -6.81 -17.41
N ALA E 232 -1.10 -6.10 -18.04
CA ALA E 232 -0.73 -5.15 -19.08
C ALA E 232 0.20 -4.06 -18.53
N ARG E 233 1.27 -3.78 -19.27
CA ARG E 233 2.21 -2.74 -18.91
C ARG E 233 1.84 -1.40 -19.52
N MET E 234 1.16 -1.42 -20.67
CA MET E 234 0.93 -0.22 -21.46
C MET E 234 -0.57 -0.14 -21.71
N TYR E 235 -1.21 0.88 -21.16
CA TYR E 235 -2.64 1.03 -21.24
C TYR E 235 -2.99 2.50 -21.38
N GLY E 236 -4.27 2.78 -21.61
CA GLY E 236 -4.75 4.13 -21.79
C GLY E 236 -5.88 4.42 -20.83
N VAL E 237 -6.83 5.24 -21.29
CA VAL E 237 -7.96 5.66 -20.47
C VAL E 237 -8.92 4.53 -20.16
N GLY E 238 -8.76 3.37 -20.79
CA GLY E 238 -9.68 2.27 -20.55
C GLY E 238 -9.65 1.76 -19.12
N VAL E 239 -8.50 1.87 -18.46
CA VAL E 239 -8.40 1.42 -17.08
C VAL E 239 -9.25 2.27 -16.15
N ASP E 240 -9.34 3.58 -16.42
CA ASP E 240 -10.24 4.42 -15.65
C ASP E 240 -11.70 4.23 -16.07
N MET E 241 -11.92 3.91 -17.35
CA MET E 241 -13.29 3.74 -17.85
C MET E 241 -13.93 2.48 -17.26
N TRP E 242 -13.16 1.40 -17.14
CA TRP E 242 -13.70 0.20 -16.52
C TRP E 242 -14.05 0.44 -15.05
N ALA E 243 -13.18 1.17 -14.33
CA ALA E 243 -13.48 1.50 -12.95
C ALA E 243 -14.70 2.39 -12.84
N VAL E 244 -14.90 3.28 -13.82
CA VAL E 244 -16.10 4.11 -13.83
C VAL E 244 -17.35 3.26 -14.07
N GLY E 245 -17.25 2.27 -14.96
CA GLY E 245 -18.36 1.35 -15.14
C GLY E 245 -18.66 0.55 -13.89
N CYS E 246 -17.61 0.12 -13.17
CA CYS E 246 -17.80 -0.59 -11.91
C CYS E 246 -18.45 0.30 -10.86
N ILE E 247 -18.07 1.57 -10.81
CA ILE E 247 -18.68 2.51 -9.87
C ILE E 247 -20.15 2.74 -10.23
N LEU E 248 -20.46 2.83 -11.52
CA LEU E 248 -21.85 2.94 -11.95
C LEU E 248 -22.66 1.71 -11.56
N ALA E 249 -22.07 0.52 -11.72
CA ALA E 249 -22.75 -0.71 -11.31
C ALA E 249 -22.98 -0.72 -9.81
N GLU E 250 -22.00 -0.26 -9.03
CA GLU E 250 -22.18 -0.16 -7.59
C GLU E 250 -23.29 0.82 -7.23
N LEU E 251 -23.38 1.95 -7.95
CA LEU E 251 -24.45 2.90 -7.71
C LEU E 251 -25.82 2.31 -8.02
N LEU E 252 -25.91 1.51 -9.09
CA LEU E 252 -27.18 0.90 -9.46
C LEU E 252 -27.57 -0.26 -8.56
N LEU E 253 -26.61 -0.98 -7.98
CA LEU E 253 -26.90 -2.14 -7.16
C LEU E 253 -26.72 -1.90 -5.67
N ARG E 254 -26.05 -0.82 -5.27
CA ARG E 254 -25.71 -0.52 -3.88
C ARG E 254 -24.76 -1.56 -3.28
N VAL E 255 -24.20 -2.44 -4.10
CA VAL E 255 -23.22 -3.43 -3.66
C VAL E 255 -22.13 -3.55 -4.72
N PRO E 256 -20.94 -4.00 -4.33
CA PRO E 256 -19.86 -4.16 -5.32
C PRO E 256 -20.28 -5.10 -6.45
N PHE E 257 -19.99 -4.69 -7.68
CA PHE E 257 -20.43 -5.45 -8.84
C PHE E 257 -19.69 -6.77 -8.95
N LEU E 258 -18.36 -6.75 -8.81
CA LEU E 258 -17.52 -7.95 -8.97
C LEU E 258 -16.57 -8.04 -7.78
N PRO E 259 -17.06 -8.49 -6.63
CA PRO E 259 -16.23 -8.50 -5.40
C PRO E 259 -15.41 -9.78 -5.23
N GLY E 260 -14.42 -9.96 -6.10
CA GLY E 260 -13.54 -11.11 -5.99
C GLY E 260 -12.56 -10.96 -4.83
N ASP E 261 -12.14 -12.10 -4.29
CA ASP E 261 -11.18 -12.12 -3.18
C ASP E 261 -9.75 -12.31 -3.65
N SER E 262 -9.53 -12.53 -4.94
CA SER E 262 -8.20 -12.67 -5.51
C SER E 262 -8.28 -12.28 -6.98
N ASP E 263 -7.11 -12.07 -7.59
CA ASP E 263 -7.05 -11.68 -8.99
C ASP E 263 -7.68 -12.74 -9.88
N LEU E 264 -7.36 -14.01 -9.64
CA LEU E 264 -7.95 -15.09 -10.41
C LEU E 264 -9.46 -15.16 -10.21
N ASP E 265 -9.91 -15.03 -8.96
CA ASP E 265 -11.34 -15.02 -8.70
C ASP E 265 -12.01 -13.77 -9.27
N GLN E 266 -11.29 -12.64 -9.28
CA GLN E 266 -11.83 -11.43 -9.91
C GLN E 266 -12.08 -11.67 -11.40
N LEU E 267 -11.09 -12.26 -12.09
CA LEU E 267 -11.28 -12.58 -13.50
C LEU E 267 -12.41 -13.59 -13.69
N THR E 268 -12.52 -14.57 -12.80
CA THR E 268 -13.60 -15.53 -12.87
C THR E 268 -14.96 -14.86 -12.76
N ARG E 269 -15.11 -13.93 -11.82
CA ARG E 269 -16.38 -13.22 -11.66
C ARG E 269 -16.66 -12.34 -12.88
N ILE E 270 -15.65 -11.66 -13.41
CA ILE E 270 -15.85 -10.81 -14.57
C ILE E 270 -16.36 -11.63 -15.75
N PHE E 271 -15.71 -12.78 -15.99
CA PHE E 271 -16.11 -13.62 -17.11
C PHE E 271 -17.45 -14.31 -16.88
N GLU E 272 -17.78 -14.61 -15.62
CA GLU E 272 -19.07 -15.22 -15.33
C GLU E 272 -20.21 -14.22 -15.53
N THR E 273 -19.96 -12.95 -15.19
CA THR E 273 -21.04 -11.97 -15.26
C THR E 273 -21.20 -11.42 -16.68
N LEU E 274 -20.10 -11.09 -17.36
CA LEU E 274 -20.16 -10.45 -18.66
C LEU E 274 -19.79 -11.37 -19.81
N GLY E 275 -19.42 -12.62 -19.53
CA GLY E 275 -19.06 -13.55 -20.59
C GLY E 275 -17.56 -13.59 -20.84
N THR E 276 -17.04 -14.79 -21.07
CA THR E 276 -15.63 -14.91 -21.45
C THR E 276 -15.44 -14.36 -22.85
N PRO E 277 -14.58 -13.37 -23.04
CA PRO E 277 -14.44 -12.76 -24.36
C PRO E 277 -13.66 -13.64 -25.33
N THR E 278 -14.02 -13.53 -26.60
CA THR E 278 -13.36 -14.26 -27.67
C THR E 278 -12.30 -13.37 -28.31
N GLU E 279 -11.74 -13.81 -29.43
CA GLU E 279 -10.78 -12.99 -30.14
C GLU E 279 -11.43 -11.96 -31.03
N GLU E 280 -12.74 -12.06 -31.24
CA GLU E 280 -13.46 -11.00 -31.96
C GLU E 280 -13.58 -9.75 -31.10
N GLN E 281 -13.90 -9.91 -29.83
CA GLN E 281 -14.14 -8.80 -28.91
C GLN E 281 -12.88 -8.33 -28.20
N TRP E 282 -11.75 -8.99 -28.40
CA TRP E 282 -10.48 -8.62 -27.78
C TRP E 282 -9.36 -9.19 -28.63
N PRO E 283 -8.92 -8.45 -29.65
CA PRO E 283 -8.09 -9.07 -30.71
C PRO E 283 -6.80 -9.71 -30.22
N ASP E 284 -6.14 -9.14 -29.22
CA ASP E 284 -4.83 -9.60 -28.78
C ASP E 284 -4.84 -9.99 -27.31
N MET E 285 -5.92 -10.64 -26.86
CA MET E 285 -6.05 -11.00 -25.45
C MET E 285 -4.92 -11.90 -24.99
N CYS E 286 -4.58 -12.91 -25.79
CA CYS E 286 -3.61 -13.92 -25.38
C CYS E 286 -2.18 -13.41 -25.26
N SER E 287 -1.89 -12.21 -25.75
CA SER E 287 -0.52 -11.71 -25.73
C SER E 287 -0.13 -11.07 -24.42
N LEU E 288 -1.07 -10.85 -23.51
CA LEU E 288 -0.75 -10.19 -22.25
C LEU E 288 0.10 -11.09 -21.37
N PRO E 289 1.07 -10.54 -20.63
CA PRO E 289 2.05 -11.39 -19.93
C PRO E 289 1.46 -12.32 -18.88
N ASP E 290 0.34 -11.95 -18.27
CA ASP E 290 -0.29 -12.76 -17.23
C ASP E 290 -1.64 -13.30 -17.69
N TYR E 291 -1.75 -13.67 -18.96
CA TYR E 291 -2.98 -14.22 -19.49
C TYR E 291 -3.09 -15.70 -19.16
N VAL E 292 -4.29 -16.12 -18.76
CA VAL E 292 -4.63 -17.52 -18.56
C VAL E 292 -5.96 -17.79 -19.24
N THR E 293 -6.12 -19.02 -19.73
CA THR E 293 -7.36 -19.40 -20.41
C THR E 293 -8.46 -19.67 -19.39
N PHE E 294 -9.69 -19.32 -19.77
CA PHE E 294 -10.84 -19.44 -18.89
C PHE E 294 -11.95 -20.23 -19.57
N LYS E 295 -12.85 -20.76 -18.76
CA LYS E 295 -14.02 -21.46 -19.26
C LYS E 295 -14.93 -20.49 -20.02
N SER E 296 -15.60 -21.01 -21.05
CA SER E 296 -16.45 -20.19 -21.90
C SER E 296 -17.80 -19.98 -21.22
N PHE E 297 -17.85 -18.96 -20.37
CA PHE E 297 -19.09 -18.61 -19.69
C PHE E 297 -19.99 -17.83 -20.63
N PRO E 298 -21.25 -18.21 -20.77
CA PRO E 298 -22.15 -17.45 -21.66
C PRO E 298 -22.37 -16.01 -21.23
N GLY E 299 -22.35 -15.74 -19.93
CA GLY E 299 -22.56 -14.39 -19.44
C GLY E 299 -24.03 -14.05 -19.27
N ILE E 300 -24.34 -13.21 -18.29
CA ILE E 300 -25.72 -12.81 -18.01
C ILE E 300 -26.09 -11.64 -18.90
N PRO E 301 -27.27 -11.63 -19.51
CA PRO E 301 -27.71 -10.44 -20.25
C PRO E 301 -27.79 -9.24 -19.33
N LEU E 302 -27.47 -8.07 -19.88
CA LEU E 302 -27.29 -6.88 -19.05
C LEU E 302 -28.58 -6.48 -18.35
N HIS E 303 -29.71 -6.53 -19.05
CA HIS E 303 -30.97 -6.08 -18.46
C HIS E 303 -31.48 -7.01 -17.37
N HIS E 304 -30.93 -8.22 -17.25
CA HIS E 304 -31.26 -9.06 -16.09
C HIS E 304 -30.54 -8.57 -14.84
N ILE E 305 -29.25 -8.21 -14.97
CA ILE E 305 -28.52 -7.69 -13.82
C ILE E 305 -29.09 -6.35 -13.39
N PHE E 306 -29.37 -5.46 -14.34
CA PHE E 306 -29.90 -4.13 -14.07
C PHE E 306 -31.31 -4.09 -14.63
N SER E 307 -32.28 -4.52 -13.81
CA SER E 307 -33.66 -4.62 -14.28
C SER E 307 -34.30 -3.24 -14.40
N ALA E 308 -34.00 -2.33 -13.49
CA ALA E 308 -34.58 -1.00 -13.50
C ALA E 308 -33.88 -0.05 -14.47
N ALA E 309 -32.78 -0.47 -15.08
CA ALA E 309 -32.05 0.40 -15.99
C ALA E 309 -32.79 0.57 -17.31
N GLY E 310 -32.71 1.77 -17.88
CA GLY E 310 -33.29 2.04 -19.17
C GLY E 310 -32.41 1.56 -20.31
N ASP E 311 -32.86 1.84 -21.53
CA ASP E 311 -32.12 1.39 -22.70
C ASP E 311 -30.84 2.19 -22.89
N ASP E 312 -30.91 3.51 -22.72
CA ASP E 312 -29.71 4.34 -22.86
C ASP E 312 -28.68 4.01 -21.78
N LEU E 313 -29.14 3.79 -20.54
CA LEU E 313 -28.24 3.39 -19.48
C LEU E 313 -27.61 2.03 -19.78
N LEU E 314 -28.40 1.10 -20.33
CA LEU E 314 -27.86 -0.20 -20.71
C LEU E 314 -26.78 -0.06 -21.78
N ASP E 315 -27.01 0.83 -22.76
CA ASP E 315 -26.00 1.05 -23.79
C ASP E 315 -24.72 1.65 -23.21
N LEU E 316 -24.87 2.62 -22.29
CA LEU E 316 -23.70 3.21 -21.65
C LEU E 316 -22.93 2.17 -20.85
N ILE E 317 -23.65 1.32 -20.11
CA ILE E 317 -22.99 0.27 -19.31
C ILE E 317 -22.27 -0.72 -20.23
N GLN E 318 -22.90 -1.10 -21.34
CA GLN E 318 -22.25 -1.98 -22.29
C GLN E 318 -20.99 -1.35 -22.85
N GLY E 319 -21.04 -0.06 -23.17
CA GLY E 319 -19.86 0.61 -23.70
C GLY E 319 -18.74 0.69 -22.69
N LEU E 320 -19.07 0.93 -21.42
CA LEU E 320 -18.03 1.01 -20.39
C LEU E 320 -17.42 -0.34 -20.07
N PHE E 321 -18.12 -1.45 -20.34
CA PHE E 321 -17.65 -2.78 -19.98
C PHE E 321 -17.19 -3.58 -21.20
N LEU E 322 -16.92 -2.93 -22.32
CA LEU E 322 -16.36 -3.62 -23.47
C LEU E 322 -15.01 -4.22 -23.12
N PHE E 323 -14.82 -5.49 -23.50
CA PHE E 323 -13.58 -6.18 -23.18
C PHE E 323 -12.39 -5.66 -23.97
N ASN E 324 -12.62 -5.03 -25.12
CA ASN E 324 -11.53 -4.45 -25.88
C ASN E 324 -11.20 -3.07 -25.34
N PRO E 325 -10.02 -2.88 -24.76
CA PRO E 325 -9.68 -1.55 -24.21
C PRO E 325 -9.66 -0.46 -25.26
N CYS E 326 -9.29 -0.78 -26.50
CA CYS E 326 -9.29 0.23 -27.55
C CYS E 326 -10.70 0.65 -27.93
N ALA E 327 -11.64 -0.29 -27.94
CA ALA E 327 -13.02 -0.01 -28.31
C ALA E 327 -13.86 0.49 -27.14
N ARG E 328 -13.36 0.39 -25.91
CA ARG E 328 -14.11 0.90 -24.77
C ARG E 328 -14.30 2.41 -24.87
N ILE E 329 -15.48 2.88 -24.49
CA ILE E 329 -15.82 4.28 -24.71
C ILE E 329 -15.04 5.16 -23.75
N THR E 330 -14.56 6.30 -24.27
CA THR E 330 -13.80 7.24 -23.47
C THR E 330 -14.74 8.14 -22.66
N ALA E 331 -14.16 9.04 -21.86
CA ALA E 331 -14.97 9.98 -21.10
C ALA E 331 -15.69 10.95 -22.02
N THR E 332 -15.01 11.42 -23.07
CA THR E 332 -15.65 12.30 -24.04
C THR E 332 -16.79 11.58 -24.76
N GLN E 333 -16.55 10.33 -25.17
CA GLN E 333 -17.61 9.56 -25.81
C GLN E 333 -18.77 9.31 -24.86
N ALA E 334 -18.46 9.01 -23.59
CA ALA E 334 -19.51 8.73 -22.63
C ALA E 334 -20.35 9.97 -22.34
N LEU E 335 -19.73 11.15 -22.31
CA LEU E 335 -20.48 12.37 -22.04
C LEU E 335 -21.37 12.76 -23.21
N LYS E 336 -21.01 12.36 -24.43
CA LYS E 336 -21.87 12.59 -25.59
C LYS E 336 -22.98 11.57 -25.72
N MET E 337 -23.04 10.60 -24.82
CA MET E 337 -24.02 9.52 -24.92
C MET E 337 -25.44 10.06 -24.70
N LYS E 338 -26.42 9.31 -25.22
CA LYS E 338 -27.81 9.71 -25.10
C LYS E 338 -28.30 9.67 -23.66
N TYR E 339 -27.67 8.85 -22.80
CA TYR E 339 -28.14 8.72 -21.43
C TYR E 339 -28.08 10.04 -20.67
N PHE E 340 -26.99 10.78 -20.84
CA PHE E 340 -26.82 12.02 -20.10
C PHE E 340 -27.68 13.16 -20.66
N SER E 341 -28.04 13.09 -21.94
CA SER E 341 -28.88 14.11 -22.56
C SER E 341 -30.36 13.74 -22.54
N ASN E 342 -30.72 12.63 -21.92
CA ASN E 342 -32.11 12.21 -21.84
C ASN E 342 -32.76 12.76 -20.57
N ARG E 343 -34.08 12.76 -20.56
CA ARG E 343 -34.78 13.16 -19.36
C ARG E 343 -34.83 12.00 -18.37
N PRO E 344 -34.74 12.28 -17.06
CA PRO E 344 -34.59 13.59 -16.41
C PRO E 344 -33.13 14.06 -16.40
N GLY E 345 -32.91 15.34 -16.08
CA GLY E 345 -31.57 15.86 -15.98
C GLY E 345 -30.91 15.50 -14.67
N PRO E 346 -29.60 15.73 -14.62
CA PRO E 346 -28.86 15.44 -13.38
C PRO E 346 -29.31 16.33 -12.23
N THR E 347 -29.21 15.79 -11.03
CA THR E 347 -29.54 16.56 -9.83
C THR E 347 -28.53 17.68 -9.64
N PRO E 348 -28.99 18.89 -9.29
CA PRO E 348 -28.05 19.94 -8.90
C PRO E 348 -27.31 19.56 -7.63
N GLY E 349 -26.05 20.01 -7.54
CA GLY E 349 -25.20 19.59 -6.44
C GLY E 349 -25.76 19.92 -5.07
N CYS E 350 -26.56 20.97 -4.96
CA CYS E 350 -27.17 21.32 -3.68
C CYS E 350 -28.22 20.31 -3.25
N GLN E 351 -28.91 19.68 -4.20
CA GLN E 351 -30.01 18.76 -3.89
C GLN E 351 -29.56 17.32 -3.79
N LEU E 352 -28.26 17.04 -3.89
CA LEU E 352 -27.79 15.68 -3.74
C LEU E 352 -27.88 15.24 -2.28
N PRO E 353 -28.15 13.97 -2.01
CA PRO E 353 -28.40 13.55 -0.63
C PRO E 353 -27.13 13.61 0.22
N ARG E 354 -27.29 14.04 1.47
CA ARG E 354 -26.19 14.17 2.40
C ARG E 354 -26.32 13.14 3.51
N PRO E 355 -25.28 12.34 3.77
CA PRO E 355 -25.29 11.35 4.86
C PRO E 355 -24.94 11.99 6.21
N PRO E 386 -30.67 -8.04 20.30
CA PRO E 386 -30.82 -6.86 21.16
C PRO E 386 -31.57 -7.18 22.45
N LYS E 387 -30.85 -7.22 23.57
CA LYS E 387 -31.45 -7.52 24.86
C LYS E 387 -30.55 -7.06 26.00
N LYS E 388 -31.14 -6.45 27.02
CA LYS E 388 -30.42 -6.04 28.22
C LYS E 388 -30.71 -7.04 29.33
N LEU E 389 -29.65 -7.64 29.87
CA LEU E 389 -29.82 -8.61 30.95
C LEU E 389 -30.22 -7.91 32.23
N ILE E 390 -31.28 -8.40 32.86
CA ILE E 390 -31.74 -7.87 34.14
C ILE E 390 -30.96 -8.61 35.22
N PHE E 391 -30.10 -7.89 35.93
CA PHE E 391 -29.26 -8.48 36.96
C PHE E 391 -29.61 -7.90 38.31
PG ANP F . 3.98 -1.51 8.39
O1G ANP F . 3.93 -3.04 8.40
O2G ANP F . 4.06 -0.88 7.01
O3G ANP F . 2.96 -0.86 9.32
PB ANP F . 6.36 -1.80 10.33
O1B ANP F . 5.53 -2.90 10.91
O2B ANP F . 7.83 -2.02 10.06
N3B ANP F . 5.57 -1.05 9.07
PA ANP F . 6.40 -0.76 13.09
O1A ANP F . 5.46 0.13 13.83
O2A ANP F . 6.46 -2.24 13.45
O3A ANP F . 6.31 -0.58 11.50
O5' ANP F . 7.90 -0.10 13.31
C5' ANP F . 8.37 0.94 12.50
C4' ANP F . 9.89 0.99 12.51
O4' ANP F . 10.39 0.84 13.84
C3' ANP F . 10.59 -0.09 11.68
O3' ANP F . 11.06 0.39 10.47
C2' ANP F . 11.67 -0.71 12.56
O2' ANP F . 12.91 -0.49 11.93
C1' ANP F . 11.57 0.12 13.86
N9 ANP F . 11.59 -0.72 15.05
C8 ANP F . 10.56 -1.35 15.68
N7 ANP F . 10.93 -2.02 16.73
C5 ANP F . 12.29 -1.80 16.81
C6 ANP F . 13.28 -2.23 17.70
N6 ANP F . 13.02 -3.01 18.76
N1 ANP F . 14.54 -1.82 17.50
C2 ANP F . 14.80 -1.04 16.45
N3 ANP F . 13.95 -0.58 15.55
C4 ANP F . 12.71 -0.99 15.78
MG MG G . 4.22 -4.41 11.11
PG ANP H . -6.76 3.19 0.62
O1G ANP H . -8.19 3.03 1.15
O2G ANP H . -5.79 2.11 1.10
O3G ANP H . -6.69 3.50 -0.88
PB ANP H . -5.56 4.72 3.01
O1B ANP H . -4.08 4.52 3.08
O2B ANP H . -6.47 3.97 3.96
N3B ANP H . -6.10 4.64 1.44
PA ANP H . -6.92 7.30 2.74
O1A ANP H . -6.42 8.68 2.43
O2A ANP H . -7.69 6.53 1.71
O3A ANP H . -5.78 6.35 3.39
O5' ANP H . -7.86 7.46 4.09
C5' ANP H . -7.52 8.32 5.15
C4' ANP H . -8.70 9.19 5.54
O4' ANP H . -8.47 10.55 5.21
C3' ANP H . -10.01 8.82 4.83
O3' ANP H . -10.72 7.83 5.47
C2' ANP H . -10.77 10.14 4.66
O2' ANP H . -11.78 10.20 5.62
C1' ANP H . -9.67 11.20 4.94
N9 ANP H . -9.44 12.13 3.84
C8 ANP H . -8.65 11.98 2.74
N7 ANP H . -8.67 13.03 1.95
C5 ANP H . -9.51 13.91 2.58
C6 ANP H . -9.95 15.20 2.25
N6 ANP H . -9.57 15.85 1.15
N1 ANP H . -10.80 15.80 3.11
C2 ANP H . -11.19 15.16 4.19
N3 ANP H . -10.84 13.95 4.61
C4 ANP H . -10.00 13.37 3.74
MG MG I . -8.53 6.91 -0.49
#